data_7F58
#
_entry.id   7F58
#
_cell.length_a   1.00
_cell.length_b   1.00
_cell.length_c   1.00
_cell.angle_alpha   90.00
_cell.angle_beta   90.00
_cell.angle_gamma   90.00
#
_symmetry.space_group_name_H-M   'P 1'
#
loop_
_entity.id
_entity.type
_entity.pdbx_description
1 polymer 'Melanocortin receptor 4'
2 polymer 'Isoform Gnas-2 of Guanine nucleotide-binding protein G(s) subunit alpha isoforms short'
3 polymer 'Guanine nucleotide-binding protein G(I)/G(S)/G(T) subunit beta-1'
4 polymer 'Guanine nucleotide-binding protein G(I)/G(S)/G(O) subunit gamma-2'
5 polymer Nanobody35
6 non-polymer (3R)-N-[(2R)-3-(4-chlorophenyl)-1-[4-cyclohexyl-4-(1,2,4-triazol-1-ylmethyl)piperidin-1-yl]-1-oxidanylidene-propan-2-yl]-1,2,3,4-tetrahydroisoquinoline-3-carboxamide
7 non-polymer 'CALCIUM ION'
8 water water
#
loop_
_entity_poly.entity_id
_entity_poly.type
_entity_poly.pdbx_seq_one_letter_code
_entity_poly.pdbx_strand_id
1 'polypeptide(L)'
;GPMVNSTHRGMHTSLHLWNRSSYRLHSNASESLGKGYSDGGCYEQLFVSPEVFVTLGVISLLENILVIVAIAKNKNLHSP
MYFFICSLAVADMLVSVSNGSETIVITLLNSTDTDAQSFTVNIDNVIDSVICSSLLASICSLLSIAVDRYFTIFYALQYH
NIMTVKRVGIIISCIWAACTVSGILFIIYSDSSAVIICLITMFFTMLALMASLYVHMFLMARLHIKRIAVLPGTGAIRQG
ANMKGAITLTILIGVFVVCWAPFFLHLIFYISCPQNPYCVCFMSHFNLYLILIMCNSIIDPLIYALRSQELRKTFKEIIC
CYPLGGLCDLSSRYGGSGGSVFTLEDFVGDWEQTAAYNLDQVLEQGGVSSLLQNLAVSVTPIQRIVRSGENALKIDIHVI
IPYEGLSADQMAQIEEVFKVVYPVDDHHFKVILPYGTLVIDGVTPNMLNYFGRPYEGIAVFDGKKITVTGTLWNGNKIID
ERLITPDGSMLFRVTINSGGSLEVLFQ
;
R
2 'polypeptide(L)'
;MGCLGNSKTEDQRNEEKAQREANKKIEKQLQKDKQVYRATHRLLLLGAGESGKNTIVKQMRILHVNGFNGDSEKATKVQD
IKNNLKEAIETIVAAMSNLVPPVELANPENQFRVDYILSVMNVPDFDFPPEFYEHAKALWEDEGVRACYERSNEYQLIDC
AQYFLDKIDVIKQADYVPSDQDLLRCRVLTSGIFETKFQVDKVNFHMFDVGAQRDERRKWIQCFNDVTAIIFVVASSSYN
MVIREDNQTNRLQAALKLFDSIWNNKWLRDTSVILFLNKQDLLAEKVLAGKSKIEDYFPEFARYTTPEDATPEPGEDPRV
TRAKYFIRDEFLRISTASGDGRHYCYPHFTCAVDTENIRRVFNDCRDIIQRMHLRQYELL
;
A
3 'polypeptide(L)'
;MHHHHHHLEVLFQGPGSSGSELDQLRQEAEQLKNQIRDARKACADATLSQITNNIDPVGRIQMRTRRTLRGHLAKIYAMH
WGTDSRLLVSASQDGKLIIWDSYTTNKVHAIPLRSSWVMTCAYAPSGNYVACGGLDNICSIYNLKTREGNVRVSRELAGH
TGYLSCCRFLDDNQIVTSSGDTTCALWDIETGQQTTTFTGHTGDVMSLSLAPDTRLFVSGACDASAKLWDVREGMCRQTF
TGHESDINAICFFPNGNAFATGSDDATCRLFDLRADQELMTYSHDNIICGITSVSFSKSGRLLLAGYDDFNCNVWDALKA
DRAGVLAGHDNRVSCLGVTDDGMAVATGSWDSFLKIWNGSSGGGGSGGGGSSGVSGWRLFKKIS
;
B
4 'polypeptide(L)' MASNNTASIAQARKLVEQLKMEANIDRIKVSKAAADLMAYCEAHAKEDPLLTPVPASENPFREKKFFCAIL G
5 'polypeptide(L)'
;QVQLQESGGGLVQPGGSLRLSCAASGFTFSNYKMNWVRQAPGKGLEWVSDISQSGASISYTGSVKGRFTISRDNAKNTLY
LQMNSLKPEDTAVYYCARCPAPFTRDCFDVTSTTYAYRGQGTQVTV
;
N
#
# COMPACT_ATOMS: atom_id res chain seq x y z
N GLY A 41 31.44 52.31 20.57
CA GLY A 41 32.12 51.17 21.14
C GLY A 41 32.61 50.18 20.10
N CYS A 42 32.67 50.62 18.84
CA CYS A 42 33.10 49.73 17.77
C CYS A 42 34.55 49.30 17.95
N TYR A 43 35.41 50.19 18.44
CA TYR A 43 36.84 49.91 18.54
C TYR A 43 37.13 48.69 19.41
N GLU A 44 36.41 48.54 20.52
CA GLU A 44 36.61 47.37 21.38
C GLU A 44 36.08 46.11 20.70
N GLN A 45 36.85 45.02 20.80
CA GLN A 45 36.43 43.77 20.20
C GLN A 45 35.46 43.05 21.15
N LEU A 46 34.21 42.91 20.72
CA LEU A 46 33.18 42.26 21.52
C LEU A 46 33.63 40.88 21.98
N PHE A 47 33.41 40.60 23.27
CA PHE A 47 33.78 39.34 23.90
C PHE A 47 32.54 38.59 24.37
N VAL A 48 32.36 37.37 23.87
CA VAL A 48 31.23 36.52 24.25
C VAL A 48 31.72 35.43 25.18
N SER A 49 31.06 35.31 26.33
CA SER A 49 31.41 34.31 27.33
C SER A 49 31.56 32.94 26.68
N PRO A 50 32.65 32.22 26.91
CA PRO A 50 32.79 30.86 26.38
C PRO A 50 31.63 29.94 26.70
N GLU A 51 30.98 30.14 27.85
CA GLU A 51 29.84 29.31 28.25
C GLU A 51 28.83 29.16 27.12
N VAL A 52 28.67 30.19 26.29
CA VAL A 52 27.69 30.15 25.20
C VAL A 52 28.21 29.27 24.09
N PHE A 53 29.49 29.41 23.75
CA PHE A 53 30.06 28.60 22.69
C PHE A 53 30.00 27.12 23.05
N VAL A 54 30.35 26.78 24.29
CA VAL A 54 30.27 25.39 24.74
C VAL A 54 28.83 24.90 24.77
N THR A 55 27.89 25.76 25.19
CA THR A 55 26.48 25.38 25.23
C THR A 55 25.96 25.06 23.84
N LEU A 56 26.37 25.84 22.84
CA LEU A 56 25.91 25.58 21.49
C LEU A 56 26.64 24.37 20.92
N GLY A 57 27.91 24.19 21.29
CA GLY A 57 28.62 23.02 20.83
C GLY A 57 27.93 21.74 21.28
N VAL A 58 27.60 21.67 22.57
CA VAL A 58 26.98 20.46 23.09
C VAL A 58 25.58 20.27 22.52
N ILE A 59 24.80 21.36 22.39
CA ILE A 59 23.42 21.21 21.90
C ILE A 59 23.41 20.77 20.44
N SER A 60 24.22 21.42 19.60
CA SER A 60 24.28 21.00 18.19
C SER A 60 24.89 19.62 18.05
N LEU A 61 25.80 19.23 18.96
CA LEU A 61 26.30 17.87 18.99
C LEU A 61 25.16 16.90 19.20
N LEU A 62 24.33 17.15 20.21
CA LEU A 62 23.23 16.23 20.51
C LEU A 62 22.23 16.16 19.36
N GLU A 63 21.89 17.32 18.77
CA GLU A 63 20.90 17.31 17.68
C GLU A 63 21.43 16.62 16.42
N ASN A 64 22.70 16.84 16.06
CA ASN A 64 23.21 16.16 14.88
C ASN A 64 23.55 14.70 15.14
N ILE A 65 23.97 14.34 16.35
CA ILE A 65 24.16 12.93 16.66
C ILE A 65 22.83 12.22 16.61
N LEU A 66 21.76 12.83 17.14
CA LEU A 66 20.44 12.23 17.06
C LEU A 66 20.02 12.04 15.61
N VAL A 67 20.35 13.00 14.74
CA VAL A 67 20.01 12.86 13.32
C VAL A 67 20.76 11.67 12.71
N ILE A 68 22.07 11.60 12.96
CA ILE A 68 22.86 10.54 12.33
C ILE A 68 22.48 9.17 12.86
N VAL A 69 22.13 9.06 14.15
CA VAL A 69 21.71 7.77 14.69
C VAL A 69 20.33 7.40 14.13
N ALA A 70 19.41 8.36 14.04
CA ALA A 70 18.11 8.06 13.46
C ALA A 70 18.23 7.59 12.02
N ILE A 71 19.18 8.14 11.26
CA ILE A 71 19.36 7.70 9.89
C ILE A 71 20.01 6.31 9.82
N ALA A 72 21.06 6.10 10.62
CA ALA A 72 21.74 4.80 10.61
C ALA A 72 20.85 3.67 11.12
N LYS A 73 20.00 3.95 12.10
CA LYS A 73 19.13 2.96 12.71
C LYS A 73 17.83 2.74 11.95
N ASN A 74 17.61 3.44 10.84
CA ASN A 74 16.42 3.28 10.02
C ASN A 74 16.89 2.95 8.61
N LYS A 75 16.83 1.66 8.26
CA LYS A 75 17.27 1.19 6.95
C LYS A 75 16.59 1.95 5.81
N ASN A 76 15.31 2.29 5.99
CA ASN A 76 14.57 3.02 4.95
C ASN A 76 15.17 4.39 4.67
N LEU A 77 16.10 4.86 5.49
CA LEU A 77 16.75 6.14 5.28
C LEU A 77 18.13 5.95 4.66
N HIS A 78 18.15 5.30 3.49
CA HIS A 78 19.37 5.01 2.78
C HIS A 78 19.38 5.55 1.35
N SER A 79 18.48 6.48 1.04
CA SER A 79 18.45 7.08 -0.28
C SER A 79 19.53 8.16 -0.39
N PRO A 80 19.92 8.53 -1.62
CA PRO A 80 20.97 9.57 -1.77
C PRO A 80 20.67 10.84 -0.99
N MET A 81 19.41 11.25 -0.96
CA MET A 81 19.02 12.46 -0.24
C MET A 81 19.35 12.32 1.24
N TYR A 82 19.09 11.15 1.79
CA TYR A 82 19.36 10.94 3.21
C TYR A 82 20.85 10.81 3.48
N PHE A 83 21.62 10.28 2.53
CA PHE A 83 23.06 10.24 2.71
C PHE A 83 23.63 11.66 2.73
N PHE A 84 23.11 12.53 1.86
CA PHE A 84 23.59 13.92 1.86
C PHE A 84 23.16 14.65 3.12
N ILE A 85 21.98 14.32 3.66
CA ILE A 85 21.57 14.94 4.90
C ILE A 85 22.48 14.45 6.02
N CYS A 86 22.83 13.17 6.00
CA CYS A 86 23.75 12.61 6.99
C CYS A 86 25.07 13.34 6.96
N SER A 87 25.67 13.44 5.77
CA SER A 87 26.92 14.18 5.60
C SER A 87 26.82 15.60 6.14
N LEU A 88 25.70 16.27 5.88
CA LEU A 88 25.48 17.61 6.43
C LEU A 88 25.49 17.59 7.96
N ALA A 89 24.79 16.62 8.55
CA ALA A 89 24.76 16.52 10.00
C ALA A 89 26.15 16.28 10.57
N VAL A 90 26.95 15.47 9.88
CA VAL A 90 28.32 15.20 10.30
C VAL A 90 29.14 16.48 10.25
N ALA A 91 29.03 17.23 9.15
CA ALA A 91 29.76 18.48 9.04
C ALA A 91 29.35 19.47 10.11
N ASP A 92 28.05 19.55 10.41
CA ASP A 92 27.61 20.49 11.45
C ASP A 92 28.09 20.06 12.82
N MET A 93 28.15 18.75 13.06
CA MET A 93 28.66 18.26 14.34
C MET A 93 30.14 18.59 14.47
N LEU A 94 30.90 18.44 13.38
CA LEU A 94 32.31 18.76 13.44
C LEU A 94 32.52 20.26 13.64
N VAL A 95 31.72 21.10 12.98
CA VAL A 95 31.86 22.55 13.18
C VAL A 95 31.61 22.90 14.64
N SER A 96 30.51 22.39 15.20
CA SER A 96 30.13 22.75 16.55
C SER A 96 31.13 22.23 17.57
N VAL A 97 31.49 20.95 17.47
CA VAL A 97 32.45 20.35 18.40
C VAL A 97 33.79 21.06 18.31
N SER A 98 34.30 21.24 17.09
CA SER A 98 35.63 21.83 16.92
C SER A 98 35.69 23.24 17.46
N ASN A 99 34.69 24.07 17.13
CA ASN A 99 34.70 25.44 17.63
C ASN A 99 34.59 25.48 19.15
N GLY A 100 33.71 24.64 19.72
CA GLY A 100 33.61 24.61 21.17
C GLY A 100 34.90 24.17 21.82
N SER A 101 35.56 23.19 21.20
CA SER A 101 36.84 22.71 21.72
C SER A 101 37.86 23.83 21.73
N GLU A 102 38.03 24.50 20.58
CA GLU A 102 38.96 25.62 20.51
C GLU A 102 38.69 26.64 21.60
N THR A 103 37.40 26.98 21.81
CA THR A 103 37.05 27.94 22.83
C THR A 103 37.45 27.44 24.23
N ILE A 104 37.20 26.15 24.51
CA ILE A 104 37.57 25.59 25.81
C ILE A 104 39.08 25.62 25.98
N VAL A 105 39.82 25.30 24.92
CA VAL A 105 41.29 25.30 24.98
C VAL A 105 41.82 26.70 25.27
N ILE A 106 41.20 27.72 24.67
CA ILE A 106 41.69 29.08 24.88
C ILE A 106 41.30 29.59 26.26
N THR A 107 40.11 29.25 26.75
CA THR A 107 39.74 29.75 28.06
C THR A 107 40.45 28.98 29.17
N LEU A 108 40.77 27.71 28.95
CA LEU A 108 41.50 26.98 29.98
C LEU A 108 42.98 27.32 29.94
N LEU A 109 43.52 27.73 28.79
CA LEU A 109 44.89 28.16 28.73
C LEU A 109 45.02 29.66 29.00
N ASN A 110 43.90 30.31 29.32
CA ASN A 110 43.86 31.73 29.64
C ASN A 110 43.62 31.96 31.13
N SER A 111 42.62 31.27 31.70
CA SER A 111 42.33 31.41 33.12
C SER A 111 43.55 31.11 33.98
N THR A 112 44.42 30.21 33.51
CA THR A 112 45.62 29.84 34.25
C THR A 112 46.64 30.97 34.26
N SER A 118 55.20 27.05 21.26
CA SER A 118 54.95 26.01 22.25
C SER A 118 53.87 25.04 21.80
N PHE A 119 53.03 24.62 22.76
CA PHE A 119 51.94 23.69 22.49
C PHE A 119 50.72 24.39 21.90
N THR A 120 50.42 25.60 22.38
CA THR A 120 49.26 26.35 21.89
C THR A 120 49.36 26.61 20.40
N VAL A 121 50.46 27.23 19.95
CA VAL A 121 50.66 27.56 18.54
C VAL A 121 50.48 26.34 17.62
N ASN A 122 50.41 25.14 18.21
CA ASN A 122 50.26 23.90 17.46
C ASN A 122 48.84 23.37 17.55
N ILE A 123 48.37 23.08 18.76
CA ILE A 123 47.00 22.61 18.95
C ILE A 123 46.00 23.57 18.29
N ASP A 124 46.24 24.87 18.45
CA ASP A 124 45.35 25.86 17.86
C ASP A 124 45.35 25.75 16.34
N ASN A 125 46.52 25.57 15.73
CA ASN A 125 46.58 25.44 14.28
C ASN A 125 45.89 24.17 13.81
N VAL A 126 45.93 23.12 14.65
CA VAL A 126 45.27 21.86 14.33
C VAL A 126 43.76 22.03 14.37
N ILE A 127 43.29 22.86 15.28
CA ILE A 127 41.84 23.03 15.36
C ILE A 127 41.38 24.06 14.33
N ASP A 128 42.16 25.12 14.09
CA ASP A 128 41.79 26.06 13.05
C ASP A 128 41.70 25.35 11.70
N SER A 129 42.45 24.25 11.56
CA SER A 129 42.41 23.50 10.31
C SER A 129 41.19 22.60 10.29
N VAL A 130 40.91 21.91 11.40
CA VAL A 130 39.73 21.07 11.44
C VAL A 130 38.48 21.92 11.22
N ILE A 131 38.44 23.11 11.83
CA ILE A 131 37.30 24.02 11.68
C ILE A 131 37.16 24.49 10.24
N CYS A 132 38.27 24.84 9.58
CA CYS A 132 38.17 25.28 8.19
C CYS A 132 37.65 24.16 7.31
N SER A 133 38.17 22.95 7.50
CA SER A 133 37.72 21.81 6.70
C SER A 133 36.25 21.51 6.96
N SER A 134 35.83 21.59 8.23
CA SER A 134 34.45 21.33 8.58
C SER A 134 33.52 22.38 7.97
N LEU A 135 33.95 23.65 7.96
CA LEU A 135 33.13 24.71 7.37
C LEU A 135 32.94 24.47 5.89
N LEU A 136 34.04 24.27 5.16
CA LEU A 136 33.94 23.99 3.73
C LEU A 136 33.08 22.76 3.48
N ALA A 137 33.21 21.74 4.33
CA ALA A 137 32.39 20.53 4.16
C ALA A 137 30.91 20.82 4.39
N SER A 138 30.59 21.69 5.36
CA SER A 138 29.19 22.04 5.60
C SER A 138 28.59 22.76 4.39
N ILE A 139 29.33 23.73 3.85
CA ILE A 139 28.81 24.46 2.69
C ILE A 139 28.66 23.53 1.50
N CYS A 140 29.66 22.67 1.26
CA CYS A 140 29.57 21.72 0.16
C CYS A 140 28.43 20.73 0.36
N SER A 141 28.15 20.35 1.61
CA SER A 141 27.04 19.45 1.88
C SER A 141 25.71 20.12 1.57
N LEU A 142 25.54 21.39 1.93
CA LEU A 142 24.31 22.08 1.59
C LEU A 142 24.16 22.20 0.08
N LEU A 143 25.26 22.47 -0.62
CA LEU A 143 25.20 22.54 -2.08
C LEU A 143 24.85 21.17 -2.66
N SER A 144 25.39 20.10 -2.08
CA SER A 144 25.09 18.75 -2.55
C SER A 144 23.62 18.40 -2.36
N ILE A 145 23.04 18.83 -1.23
CA ILE A 145 21.61 18.61 -1.02
C ILE A 145 20.81 19.36 -2.09
N ALA A 146 21.16 20.61 -2.33
CA ALA A 146 20.44 21.38 -3.35
C ALA A 146 20.56 20.75 -4.73
N VAL A 147 21.75 20.26 -5.07
CA VAL A 147 21.96 19.64 -6.37
C VAL A 147 21.19 18.32 -6.49
N ASP A 148 21.16 17.53 -5.41
CA ASP A 148 20.42 16.29 -5.44
C ASP A 148 18.92 16.55 -5.61
N ARG A 149 18.39 17.55 -4.92
CA ARG A 149 16.98 17.90 -5.09
C ARG A 149 16.72 18.41 -6.50
N TYR A 150 17.63 19.22 -7.04
CA TYR A 150 17.48 19.68 -8.42
C TYR A 150 17.43 18.50 -9.38
N PHE A 151 18.29 17.50 -9.17
CA PHE A 151 18.28 16.32 -10.01
C PHE A 151 16.95 15.59 -9.91
N THR A 152 16.44 15.40 -8.68
CA THR A 152 15.15 14.73 -8.55
C THR A 152 14.05 15.48 -9.30
N ILE A 153 13.98 16.79 -9.14
CA ILE A 153 12.91 17.55 -9.77
C ILE A 153 13.07 17.59 -11.30
N PHE A 154 14.29 17.76 -11.80
CA PHE A 154 14.49 17.97 -13.22
C PHE A 154 15.08 16.78 -13.95
N TYR A 155 15.25 15.64 -13.26
CA TYR A 155 15.70 14.41 -13.88
C TYR A 155 14.94 13.26 -13.23
N ALA A 156 13.63 13.44 -13.10
CA ALA A 156 12.81 12.55 -12.28
C ALA A 156 12.84 11.12 -12.81
N LEU A 157 12.84 10.96 -14.13
CA LEU A 157 12.78 9.63 -14.70
C LEU A 157 14.16 8.97 -14.78
N GLN A 158 15.22 9.79 -14.86
CA GLN A 158 16.58 9.29 -14.90
C GLN A 158 17.25 9.23 -13.53
N TYR A 159 16.76 10.02 -12.56
CA TYR A 159 17.36 10.18 -11.25
C TYR A 159 18.06 8.98 -10.65
N HIS A 160 17.34 7.87 -10.49
CA HIS A 160 17.92 6.70 -9.84
C HIS A 160 19.11 6.16 -10.63
N ASN A 161 19.04 6.21 -11.95
CA ASN A 161 20.21 5.84 -12.76
C ASN A 161 21.38 6.77 -12.48
N ILE A 162 21.12 8.08 -12.42
CA ILE A 162 22.20 9.04 -12.19
C ILE A 162 22.73 8.97 -10.77
N MET A 163 21.84 8.90 -9.78
CA MET A 163 22.27 8.95 -8.37
C MET A 163 22.26 7.54 -7.79
N THR A 164 23.27 6.77 -8.16
CA THR A 164 23.47 5.43 -7.64
C THR A 164 24.28 5.51 -6.36
N VAL A 165 24.05 4.54 -5.46
CA VAL A 165 24.71 4.58 -4.16
C VAL A 165 26.23 4.65 -4.31
N LYS A 166 26.76 4.01 -5.35
CA LYS A 166 28.19 4.07 -5.62
C LYS A 166 28.63 5.48 -5.97
N ARG A 167 27.80 6.21 -6.71
CA ARG A 167 28.14 7.58 -7.09
C ARG A 167 27.92 8.53 -5.94
N VAL A 168 26.93 8.27 -5.09
CA VAL A 168 26.74 9.10 -3.90
C VAL A 168 27.92 8.93 -2.96
N GLY A 169 28.38 7.70 -2.77
CA GLY A 169 29.55 7.48 -1.94
C GLY A 169 30.78 8.15 -2.50
N ILE A 170 30.98 8.05 -3.82
CA ILE A 170 32.14 8.71 -4.42
C ILE A 170 32.05 10.22 -4.24
N ILE A 171 30.86 10.79 -4.46
CA ILE A 171 30.69 12.24 -4.34
C ILE A 171 30.98 12.70 -2.92
N ILE A 172 30.40 12.02 -1.93
CA ILE A 172 30.59 12.44 -0.54
C ILE A 172 32.05 12.29 -0.14
N SER A 173 32.69 11.18 -0.52
CA SER A 173 34.09 10.98 -0.15
C SER A 173 35.00 12.01 -0.82
N CYS A 174 34.75 12.30 -2.10
CA CYS A 174 35.56 13.30 -2.80
C CYS A 174 35.36 14.69 -2.22
N ILE A 175 34.12 15.04 -1.89
CA ILE A 175 33.84 16.33 -1.29
C ILE A 175 34.54 16.47 0.05
N TRP A 176 34.43 15.45 0.91
CA TRP A 176 35.06 15.53 2.22
C TRP A 176 36.58 15.58 2.11
N ALA A 177 37.16 14.81 1.18
CA ALA A 177 38.60 14.85 1.00
C ALA A 177 39.06 16.21 0.50
N ALA A 178 38.36 16.78 -0.49
CA ALA A 178 38.75 18.09 -1.00
C ALA A 178 38.58 19.16 0.06
N CYS A 179 37.51 19.08 0.86
CA CYS A 179 37.30 20.05 1.92
C CYS A 179 38.37 19.95 2.99
N THR A 180 38.78 18.73 3.36
CA THR A 180 39.83 18.57 4.36
C THR A 180 41.16 19.13 3.84
N VAL A 181 41.50 18.79 2.60
CA VAL A 181 42.76 19.29 2.04
C VAL A 181 42.72 20.81 1.93
N SER A 182 41.58 21.36 1.48
CA SER A 182 41.48 22.80 1.35
C SER A 182 41.58 23.48 2.70
N GLY A 183 40.97 22.90 3.73
CA GLY A 183 41.09 23.49 5.06
C GLY A 183 42.52 23.48 5.57
N ILE A 184 43.24 22.39 5.34
CA ILE A 184 44.62 22.33 5.82
C ILE A 184 45.48 23.37 5.10
N LEU A 185 45.35 23.45 3.77
CA LEU A 185 46.13 24.45 3.03
C LEU A 185 45.70 25.87 3.38
N PHE A 186 44.40 26.11 3.55
CA PHE A 186 43.91 27.44 3.85
C PHE A 186 44.28 27.89 5.26
N ILE A 187 44.59 26.97 6.16
CA ILE A 187 45.04 27.38 7.50
C ILE A 187 46.55 27.48 7.57
N ILE A 188 47.27 26.57 6.92
CA ILE A 188 48.72 26.67 6.90
C ILE A 188 49.16 27.98 6.26
N TYR A 189 48.46 28.40 5.21
CA TYR A 189 48.74 29.64 4.48
C TYR A 189 47.71 30.72 4.77
N SER A 190 47.24 30.77 6.02
CA SER A 190 46.22 31.75 6.38
C SER A 190 46.74 33.17 6.23
N ASP A 191 48.04 33.37 6.33
CA ASP A 191 48.64 34.71 6.18
C ASP A 191 48.94 35.00 4.71
N SER A 192 47.87 35.06 3.92
CA SER A 192 47.98 35.30 2.50
C SER A 192 46.64 35.76 1.95
N SER A 193 46.64 36.88 1.21
CA SER A 193 45.43 37.38 0.59
C SER A 193 44.83 36.34 -0.36
N ALA A 194 45.67 35.47 -0.91
CA ALA A 194 45.21 34.42 -1.81
C ALA A 194 44.10 33.61 -1.15
N VAL A 195 44.41 32.94 -0.05
CA VAL A 195 43.43 32.09 0.63
C VAL A 195 42.14 32.85 0.97
N ILE A 196 42.26 34.09 1.43
CA ILE A 196 41.03 34.79 1.78
C ILE A 196 40.28 35.26 0.55
N ILE A 197 40.92 35.26 -0.62
CA ILE A 197 40.19 35.64 -1.83
C ILE A 197 39.64 34.38 -2.47
N CYS A 198 40.16 33.23 -2.07
CA CYS A 198 39.74 31.93 -2.59
C CYS A 198 38.66 31.33 -1.73
N LEU A 199 38.33 31.97 -0.61
CA LEU A 199 37.27 31.48 0.26
C LEU A 199 35.96 32.22 0.02
N ILE A 200 36.02 33.55 -0.15
CA ILE A 200 34.81 34.33 -0.36
C ILE A 200 34.23 34.02 -1.73
N THR A 201 35.09 33.75 -2.71
CA THR A 201 34.60 33.36 -4.03
C THR A 201 33.87 32.02 -3.96
N MET A 202 34.42 31.04 -3.22
CA MET A 202 33.72 29.76 -3.09
C MET A 202 32.39 29.95 -2.41
N PHE A 203 32.34 30.75 -1.34
CA PHE A 203 31.07 30.93 -0.66
C PHE A 203 30.04 31.60 -1.57
N PHE A 204 30.43 32.65 -2.29
CA PHE A 204 29.41 33.37 -3.03
C PHE A 204 29.01 32.62 -4.29
N THR A 205 29.93 31.84 -4.87
CA THR A 205 29.54 30.96 -5.97
C THR A 205 28.57 29.89 -5.49
N MET A 206 28.81 29.32 -4.31
CA MET A 206 27.91 28.27 -3.84
C MET A 206 26.58 28.83 -3.37
N LEU A 207 26.58 30.07 -2.87
CA LEU A 207 25.33 30.76 -2.56
C LEU A 207 24.53 31.02 -3.84
N ALA A 208 25.19 31.53 -4.88
CA ALA A 208 24.50 31.76 -6.14
C ALA A 208 23.95 30.45 -6.70
N LEU A 209 24.73 29.37 -6.60
CA LEU A 209 24.27 28.09 -7.10
C LEU A 209 23.06 27.57 -6.32
N MET A 210 23.11 27.66 -4.99
CA MET A 210 21.99 27.20 -4.18
C MET A 210 20.73 28.01 -4.46
N ALA A 211 20.88 29.34 -4.51
CA ALA A 211 19.73 30.20 -4.77
C ALA A 211 19.16 29.95 -6.15
N SER A 212 20.02 29.78 -7.16
CA SER A 212 19.52 29.51 -8.51
C SER A 212 18.78 28.19 -8.57
N LEU A 213 19.33 27.14 -7.94
CA LEU A 213 18.69 25.84 -8.00
C LEU A 213 17.33 25.86 -7.30
N TYR A 214 17.26 26.46 -6.12
CA TYR A 214 16.00 26.47 -5.40
C TYR A 214 14.98 27.40 -6.06
N VAL A 215 15.42 28.51 -6.67
CA VAL A 215 14.51 29.37 -7.40
C VAL A 215 13.94 28.65 -8.61
N HIS A 216 14.79 27.91 -9.33
CA HIS A 216 14.29 27.17 -10.49
C HIS A 216 13.28 26.11 -10.07
N MET A 217 13.57 25.37 -8.99
CA MET A 217 12.61 24.38 -8.52
C MET A 217 11.31 25.05 -8.09
N PHE A 218 11.40 26.22 -7.46
CA PHE A 218 10.21 26.99 -7.10
C PHE A 218 9.40 27.37 -8.34
N LEU A 219 10.08 27.83 -9.40
CA LEU A 219 9.35 28.22 -10.61
C LEU A 219 8.66 27.01 -11.23
N MET A 220 9.31 25.85 -11.21
CA MET A 220 8.68 24.64 -11.73
C MET A 220 7.46 24.27 -10.89
N ALA A 221 7.58 24.38 -9.57
CA ALA A 221 6.44 24.11 -8.69
C ALA A 221 5.30 25.09 -8.94
N ARG A 222 5.64 26.35 -9.17
CA ARG A 222 4.61 27.37 -9.43
C ARG A 222 3.90 27.10 -10.76
N LEU A 223 4.64 26.65 -11.77
CA LEU A 223 3.99 26.26 -13.03
C LEU A 223 3.06 25.07 -12.81
N HIS A 224 3.49 24.09 -12.01
CA HIS A 224 2.60 22.97 -11.68
C HIS A 224 1.36 23.48 -10.95
N ILE A 225 1.54 24.48 -10.10
CA ILE A 225 0.42 25.09 -9.39
C ILE A 225 -0.57 25.69 -10.38
N LYS A 226 -0.05 26.42 -11.36
CA LYS A 226 -0.92 27.03 -12.37
C LYS A 226 -1.68 25.98 -13.16
N ARG A 227 -1.04 24.85 -13.47
CA ARG A 227 -1.75 23.82 -14.23
C ARG A 227 -2.77 23.07 -13.37
N ILE A 228 -2.45 22.87 -12.09
CA ILE A 228 -3.40 22.19 -11.20
C ILE A 228 -4.61 23.07 -10.94
N ALA A 229 -4.40 24.38 -10.71
CA ALA A 229 -5.48 25.25 -10.30
C ALA A 229 -6.56 25.41 -11.36
N VAL A 230 -6.25 25.23 -12.63
CA VAL A 230 -7.23 25.45 -13.71
C VAL A 230 -7.91 24.11 -13.95
N LEU A 231 -8.87 23.80 -13.08
CA LEU A 231 -9.67 22.59 -13.14
C LEU A 231 -11.12 22.96 -12.87
N PRO A 232 -12.08 22.25 -13.49
CA PRO A 232 -13.49 22.56 -13.29
C PRO A 232 -13.92 22.48 -11.84
N GLY A 233 -13.72 21.31 -11.22
CA GLY A 233 -14.11 21.13 -9.83
C GLY A 233 -13.55 22.20 -8.91
N THR A 234 -12.25 22.47 -9.02
CA THR A 234 -11.61 23.47 -8.18
C THR A 234 -11.80 24.87 -8.77
N GLN A 239 -2.74 29.16 4.01
CA GLN A 239 -1.48 29.28 3.28
C GLN A 239 -1.67 29.29 1.77
N GLY A 240 -1.74 28.10 1.20
CA GLY A 240 -1.78 27.92 -0.24
C GLY A 240 -0.44 27.43 -0.76
N ALA A 241 -0.49 26.84 -1.96
CA ALA A 241 0.74 26.28 -2.54
C ALA A 241 1.77 27.37 -2.84
N ASN A 242 1.32 28.54 -3.30
CA ASN A 242 2.26 29.63 -3.57
C ASN A 242 2.92 30.08 -2.27
N MET A 243 2.10 30.33 -1.24
CA MET A 243 2.62 30.76 0.05
C MET A 243 3.59 29.74 0.61
N LYS A 244 3.20 28.46 0.61
CA LYS A 244 4.06 27.40 1.14
C LYS A 244 5.39 27.33 0.38
N GLY A 245 5.36 27.44 -0.94
CA GLY A 245 6.59 27.45 -1.70
C GLY A 245 7.48 28.62 -1.35
N ALA A 246 6.90 29.82 -1.35
CA ALA A 246 7.66 31.02 -1.00
C ALA A 246 8.26 30.91 0.40
N ILE A 247 7.49 30.42 1.38
CA ILE A 247 7.99 30.28 2.73
C ILE A 247 9.12 29.25 2.79
N THR A 248 9.09 28.25 1.92
CA THR A 248 10.16 27.27 1.96
C THR A 248 11.42 27.82 1.30
N LEU A 249 11.27 28.66 0.28
CA LEU A 249 12.46 29.28 -0.30
C LEU A 249 13.04 30.30 0.67
N THR A 250 12.18 31.12 1.25
CA THR A 250 12.62 32.08 2.25
C THR A 250 13.40 31.39 3.35
N ILE A 251 12.89 30.28 3.88
CA ILE A 251 13.62 29.62 4.96
C ILE A 251 14.94 29.05 4.46
N LEU A 252 14.90 28.31 3.34
CA LEU A 252 16.10 27.60 2.87
C LEU A 252 17.23 28.56 2.50
N ILE A 253 16.91 29.65 1.81
CA ILE A 253 17.94 30.59 1.39
C ILE A 253 18.27 31.60 2.48
N GLY A 254 17.25 32.13 3.17
CA GLY A 254 17.49 33.10 4.21
C GLY A 254 18.32 32.58 5.36
N VAL A 255 18.10 31.32 5.77
CA VAL A 255 18.91 30.80 6.86
C VAL A 255 20.37 30.73 6.44
N PHE A 256 20.63 30.23 5.23
CA PHE A 256 21.99 30.15 4.73
C PHE A 256 22.64 31.52 4.68
N VAL A 257 21.95 32.50 4.09
CA VAL A 257 22.52 33.83 3.91
C VAL A 257 22.74 34.50 5.26
N VAL A 258 21.73 34.47 6.13
CA VAL A 258 21.85 35.15 7.41
C VAL A 258 22.95 34.54 8.26
N CYS A 259 23.06 33.20 8.25
CA CYS A 259 24.03 32.56 9.12
C CYS A 259 25.45 32.51 8.55
N TRP A 260 25.65 32.70 7.24
CA TRP A 260 27.01 32.67 6.72
C TRP A 260 27.51 33.95 6.08
N ALA A 261 26.64 34.77 5.49
CA ALA A 261 27.09 36.01 4.87
C ALA A 261 27.85 36.94 5.81
N PRO A 262 27.50 37.08 7.10
CA PRO A 262 28.29 38.00 7.94
C PRO A 262 29.77 37.63 8.02
N PHE A 263 30.09 36.38 8.36
CA PHE A 263 31.48 35.96 8.47
C PHE A 263 32.24 36.13 7.16
N PHE A 264 31.58 35.86 6.04
CA PHE A 264 32.31 36.02 4.79
C PHE A 264 32.40 37.48 4.37
N LEU A 265 31.51 38.32 4.90
CA LEU A 265 31.65 39.75 4.63
C LEU A 265 32.76 40.29 5.50
N HIS A 266 32.94 39.70 6.67
CA HIS A 266 34.06 40.04 7.53
C HIS A 266 35.37 39.73 6.86
N LEU A 267 35.41 38.65 6.07
CA LEU A 267 36.66 38.38 5.36
C LEU A 267 36.80 39.21 4.09
N ILE A 268 35.69 39.69 3.53
CA ILE A 268 35.80 40.60 2.40
C ILE A 268 36.30 41.94 2.89
N PHE A 269 35.94 42.30 4.11
CA PHE A 269 36.42 43.54 4.68
C PHE A 269 37.88 43.39 5.08
N TYR A 270 38.21 42.25 5.69
CA TYR A 270 39.60 41.97 6.07
C TYR A 270 40.52 42.14 4.88
N ILE A 271 40.07 41.76 3.69
CA ILE A 271 40.92 41.89 2.51
C ILE A 271 40.81 43.26 1.85
N SER A 272 39.62 43.85 1.79
CA SER A 272 39.47 45.12 1.08
C SER A 272 39.69 46.38 1.92
N CYS A 273 39.11 46.46 3.11
CA CYS A 273 39.20 47.66 3.95
C CYS A 273 39.52 47.33 5.40
N PRO A 274 40.75 46.91 5.69
CA PRO A 274 41.08 46.57 7.08
C PRO A 274 41.10 47.77 8.02
N GLN A 275 41.68 48.89 7.61
CA GLN A 275 41.82 50.07 8.46
C GLN A 275 40.63 51.02 8.47
N ASN A 276 39.65 50.86 7.58
CA ASN A 276 38.51 51.77 7.58
C ASN A 276 37.75 51.70 8.91
N PRO A 277 37.29 52.83 9.44
CA PRO A 277 36.57 52.81 10.73
C PRO A 277 35.30 51.99 10.73
N TYR A 278 34.59 51.93 9.60
CA TYR A 278 33.34 51.20 9.59
C TYR A 278 33.60 49.71 9.37
N CYS A 279 34.57 49.37 8.53
CA CYS A 279 34.86 47.95 8.39
C CYS A 279 35.41 47.40 9.70
N VAL A 280 36.16 48.22 10.45
CA VAL A 280 36.64 47.80 11.76
C VAL A 280 35.46 47.58 12.71
N CYS A 281 34.49 48.50 12.68
CA CYS A 281 33.33 48.34 13.54
C CYS A 281 32.58 47.05 13.20
N PHE A 282 32.48 46.75 11.91
CA PHE A 282 31.85 45.49 11.49
C PHE A 282 32.67 44.30 11.98
N MET A 283 33.99 44.35 11.79
CA MET A 283 34.89 43.25 12.14
C MET A 283 35.02 43.04 13.63
N SER A 284 34.44 43.91 14.43
CA SER A 284 34.55 43.78 15.87
C SER A 284 33.81 42.56 16.42
N HIS A 285 32.74 42.13 15.75
CA HIS A 285 31.95 40.99 16.21
C HIS A 285 32.25 39.69 15.47
N PHE A 286 33.53 39.34 15.34
CA PHE A 286 33.87 38.07 14.69
C PHE A 286 33.34 36.89 15.51
N ASN A 287 33.44 36.98 16.84
CA ASN A 287 32.93 35.91 17.69
C ASN A 287 31.43 35.77 17.52
N LEU A 288 30.72 36.89 17.40
CA LEU A 288 29.28 36.82 17.14
C LEU A 288 29.01 36.15 15.81
N TYR A 289 29.84 36.42 14.79
CA TYR A 289 29.69 35.74 13.51
C TYR A 289 29.88 34.23 13.68
N LEU A 290 30.83 33.84 14.53
CA LEU A 290 31.05 32.43 14.82
C LEU A 290 29.80 31.84 15.44
N ILE A 291 29.22 32.57 16.39
CA ILE A 291 28.02 32.11 17.08
C ILE A 291 26.92 31.86 16.06
N LEU A 292 26.66 32.84 15.18
CA LEU A 292 25.69 32.66 14.11
C LEU A 292 26.00 31.43 13.25
N ILE A 293 27.29 31.11 13.09
CA ILE A 293 27.65 29.90 12.36
C ILE A 293 27.13 28.67 13.09
N MET A 294 27.39 28.59 14.39
CA MET A 294 26.88 27.45 15.16
C MET A 294 25.36 27.43 15.18
N CYS A 295 24.73 28.61 15.21
CA CYS A 295 23.28 28.71 15.16
C CYS A 295 22.74 28.10 13.88
N ASN A 296 23.50 28.21 12.78
CA ASN A 296 23.05 27.61 11.54
C ASN A 296 22.93 26.10 11.67
N SER A 297 23.85 25.47 12.42
CA SER A 297 23.83 24.02 12.53
C SER A 297 22.55 23.50 13.16
N ILE A 298 22.13 24.10 14.28
CA ILE A 298 20.88 23.68 14.91
C ILE A 298 19.72 23.78 13.93
N ILE A 299 19.64 24.90 13.23
CA ILE A 299 18.58 25.16 12.25
C ILE A 299 18.60 24.14 11.11
N ASP A 300 19.80 23.70 10.71
CA ASP A 300 19.90 22.77 9.58
C ASP A 300 19.15 21.45 9.79
N PRO A 301 19.32 20.70 10.88
CA PRO A 301 18.44 19.53 11.06
C PRO A 301 16.97 19.91 11.12
N LEU A 302 16.65 21.02 11.78
CA LEU A 302 15.26 21.45 11.89
C LEU A 302 14.60 21.68 10.53
N ILE A 303 15.34 22.23 9.57
CA ILE A 303 14.77 22.49 8.25
C ILE A 303 15.12 21.44 7.21
N TYR A 304 15.83 20.37 7.59
CA TYR A 304 16.18 19.37 6.58
C TYR A 304 15.77 17.97 7.01
N ALA A 305 16.54 17.36 7.91
CA ALA A 305 16.26 16.00 8.35
C ALA A 305 14.86 15.85 8.95
N LEU A 306 14.42 16.81 9.76
CA LEU A 306 13.11 16.69 10.39
C LEU A 306 11.94 16.94 9.45
N ARG A 307 12.15 17.61 8.31
CA ARG A 307 11.04 17.83 7.40
C ARG A 307 10.44 16.52 6.89
N SER A 308 11.24 15.46 6.82
CA SER A 308 10.72 14.16 6.42
C SER A 308 9.93 13.53 7.56
N GLN A 309 8.82 12.87 7.22
CA GLN A 309 7.98 12.26 8.24
C GLN A 309 8.66 11.06 8.91
N GLU A 310 9.46 10.31 8.14
CA GLU A 310 10.14 9.15 8.69
C GLU A 310 11.24 9.54 9.66
N LEU A 311 12.03 10.57 9.32
CA LEU A 311 13.04 11.01 10.27
C LEU A 311 12.40 11.60 11.52
N ARG A 312 11.22 12.21 11.39
CA ARG A 312 10.54 12.73 12.57
C ARG A 312 10.09 11.58 13.46
N LYS A 313 9.47 10.56 12.86
CA LYS A 313 9.03 9.40 13.64
C LYS A 313 10.20 8.73 14.34
N THR A 314 11.30 8.53 13.61
CA THR A 314 12.47 7.90 14.20
C THR A 314 13.08 8.77 15.30
N PHE A 315 13.09 10.09 15.11
CA PHE A 315 13.63 10.96 16.14
C PHE A 315 12.79 10.89 17.41
N LYS A 316 11.46 10.84 17.25
CA LYS A 316 10.58 10.76 18.41
C LYS A 316 10.81 9.45 19.15
N GLU A 317 10.84 8.34 18.41
CA GLU A 317 11.05 7.05 19.05
C GLU A 317 12.40 7.01 19.75
N ILE A 318 13.45 7.50 19.09
CA ILE A 318 14.78 7.51 19.69
C ILE A 318 14.82 8.35 20.96
N ILE A 319 14.19 9.53 20.95
CA ILE A 319 14.23 10.36 22.15
C ILE A 319 13.39 9.75 23.26
N CYS A 320 12.39 8.94 22.91
CA CYS A 320 11.59 8.32 23.96
C CYS A 320 12.30 7.11 24.55
N CYS A 321 12.72 6.16 23.70
CA CYS A 321 13.42 4.97 24.18
C CYS A 321 14.75 5.33 24.82
N TYR A 322 15.50 6.25 24.21
CA TYR A 322 16.79 6.66 24.74
C TYR A 322 17.00 8.16 24.58
N ASP B 11 34.27 -27.64 13.97
CA ASP B 11 34.35 -28.00 12.56
C ASP B 11 33.04 -27.68 11.84
N GLN B 12 31.96 -27.49 12.61
CA GLN B 12 30.67 -27.11 12.06
C GLN B 12 30.64 -25.66 11.57
N ARG B 13 31.64 -24.86 11.94
CA ARG B 13 31.74 -23.47 11.53
C ARG B 13 31.75 -23.31 10.02
N ASN B 14 32.14 -24.36 9.29
CA ASN B 14 32.24 -24.31 7.83
C ASN B 14 30.87 -24.11 7.19
N GLU B 15 29.80 -24.55 7.87
CA GLU B 15 28.47 -24.33 7.32
C GLU B 15 28.06 -22.87 7.51
N GLU B 16 28.37 -22.29 8.67
CA GLU B 16 27.98 -20.91 8.88
C GLU B 16 28.74 -20.03 7.90
N LYS B 17 30.03 -20.31 7.71
CA LYS B 17 30.81 -19.57 6.73
C LYS B 17 30.20 -19.71 5.35
N ALA B 18 29.79 -20.94 4.97
CA ALA B 18 29.20 -21.12 3.65
C ALA B 18 27.95 -20.27 3.52
N GLN B 19 27.16 -20.18 4.60
CA GLN B 19 25.93 -19.42 4.53
C GLN B 19 26.25 -17.95 4.32
N ARG B 20 27.31 -17.46 4.97
CA ARG B 20 27.68 -16.07 4.79
C ARG B 20 28.08 -15.84 3.33
N GLU B 21 28.80 -16.80 2.74
CA GLU B 21 29.19 -16.65 1.34
C GLU B 21 27.94 -16.53 0.48
N ALA B 22 26.93 -17.35 0.80
CA ALA B 22 25.68 -17.34 0.05
C ALA B 22 25.06 -15.96 0.14
N ASN B 23 25.05 -15.39 1.35
CA ASN B 23 24.47 -14.08 1.54
C ASN B 23 25.19 -13.04 0.70
N LYS B 24 26.52 -13.10 0.68
CA LYS B 24 27.28 -12.15 -0.11
C LYS B 24 26.88 -12.19 -1.58
N LYS B 25 26.75 -13.40 -2.13
CA LYS B 25 26.32 -13.56 -3.53
C LYS B 25 24.90 -13.05 -3.74
N ILE B 26 24.01 -13.35 -2.80
CA ILE B 26 22.61 -12.98 -2.96
C ILE B 26 22.49 -11.47 -2.84
N GLU B 27 23.12 -10.89 -1.82
CA GLU B 27 22.98 -9.47 -1.56
C GLU B 27 23.51 -8.68 -2.74
N LYS B 28 24.65 -9.10 -3.32
CA LYS B 28 25.14 -8.38 -4.50
C LYS B 28 24.13 -8.46 -5.63
N GLN B 29 23.53 -9.64 -5.84
CA GLN B 29 22.52 -9.74 -6.90
C GLN B 29 21.32 -8.87 -6.59
N LEU B 30 20.92 -8.83 -5.32
CA LEU B 30 19.79 -8.00 -4.91
C LEU B 30 20.09 -6.53 -5.13
N GLN B 31 21.33 -6.10 -4.89
CA GLN B 31 21.66 -4.70 -5.11
C GLN B 31 21.50 -4.36 -6.59
N LYS B 32 21.97 -5.26 -7.47
CA LYS B 32 21.79 -5.00 -8.90
C LYS B 32 20.31 -4.94 -9.23
N ASP B 33 19.53 -5.86 -8.66
CA ASP B 33 18.11 -5.88 -8.97
C ASP B 33 17.43 -4.62 -8.44
N LYS B 34 17.87 -4.12 -7.28
CA LYS B 34 17.29 -2.89 -6.74
C LYS B 34 17.54 -1.76 -7.71
N GLN B 35 18.74 -1.74 -8.30
CA GLN B 35 19.09 -0.69 -9.25
C GLN B 35 18.15 -0.74 -10.45
N VAL B 36 17.84 -1.96 -10.92
CA VAL B 36 16.91 -2.07 -12.04
C VAL B 36 15.49 -1.71 -11.59
N TYR B 37 15.11 -2.14 -10.39
CA TYR B 37 13.74 -1.98 -9.91
C TYR B 37 13.36 -0.52 -9.79
N ARG B 38 14.18 0.27 -9.08
CA ARG B 38 13.80 1.64 -8.82
C ARG B 38 13.82 2.50 -10.08
N ALA B 39 14.60 2.12 -11.08
CA ALA B 39 14.69 2.86 -12.33
C ALA B 39 13.60 2.48 -13.32
N THR B 40 12.72 1.53 -12.96
CA THR B 40 11.66 1.05 -13.83
C THR B 40 10.32 1.60 -13.35
N HIS B 41 9.55 2.18 -14.27
CA HIS B 41 8.26 2.78 -13.96
C HIS B 41 7.16 1.81 -14.38
N ARG B 42 6.38 1.34 -13.40
CA ARG B 42 5.32 0.37 -13.65
C ARG B 42 3.98 1.07 -13.86
N LEU B 43 3.24 0.62 -14.88
CA LEU B 43 1.97 1.23 -15.23
C LEU B 43 0.88 0.17 -15.28
N LEU B 44 -0.29 0.49 -14.73
CA LEU B 44 -1.46 -0.38 -14.81
C LEU B 44 -2.41 0.16 -15.86
N LEU B 45 -2.85 -0.71 -16.76
CA LEU B 45 -3.73 -0.31 -17.85
C LEU B 45 -5.13 -0.87 -17.62
N LEU B 46 -6.10 0.02 -17.41
CA LEU B 46 -7.49 -0.38 -17.22
C LEU B 46 -8.33 0.28 -18.30
N GLY B 47 -9.50 -0.29 -18.58
CA GLY B 47 -10.38 0.38 -19.51
C GLY B 47 -11.75 -0.23 -19.60
N ALA B 48 -12.61 0.49 -20.34
CA ALA B 48 -13.98 0.11 -20.60
C ALA B 48 -14.02 -1.12 -21.52
N GLY B 49 -15.17 -1.81 -21.50
CA GLY B 49 -15.35 -2.95 -22.38
C GLY B 49 -15.16 -2.63 -23.85
N GLU B 50 -15.57 -1.43 -24.28
CA GLU B 50 -15.33 -0.99 -25.64
C GLU B 50 -14.11 -0.11 -25.77
N SER B 51 -13.36 0.09 -24.68
CA SER B 51 -12.17 0.93 -24.71
C SER B 51 -11.12 0.28 -25.60
N GLY B 52 -10.38 1.11 -26.32
CA GLY B 52 -9.33 0.62 -27.18
C GLY B 52 -8.03 0.27 -26.46
N LYS B 53 -8.13 -0.49 -25.37
CA LYS B 53 -6.94 -0.85 -24.59
C LYS B 53 -5.96 -1.63 -25.46
N ASN B 54 -6.47 -2.53 -26.30
CA ASN B 54 -5.60 -3.28 -27.19
C ASN B 54 -4.92 -2.34 -28.15
N THR B 55 -5.66 -1.37 -28.69
CA THR B 55 -5.08 -0.38 -29.59
C THR B 55 -4.01 0.44 -28.87
N ILE B 56 -4.26 0.80 -27.61
CA ILE B 56 -3.27 1.56 -26.84
C ILE B 56 -1.99 0.75 -26.70
N VAL B 57 -2.11 -0.55 -26.41
CA VAL B 57 -0.93 -1.41 -26.33
C VAL B 57 -0.23 -1.51 -27.68
N LYS B 58 -1.01 -1.63 -28.76
CA LYS B 58 -0.45 -1.73 -30.10
C LYS B 58 0.32 -0.47 -30.49
N GLN B 59 -0.20 0.70 -30.09
CA GLN B 59 0.46 1.97 -30.39
C GLN B 59 1.91 1.99 -29.87
N MET B 60 2.21 1.19 -28.86
CA MET B 60 3.54 1.10 -28.27
C MET B 60 4.12 2.47 -27.92
N SER B 191 -2.81 -15.38 -20.90
CA SER B 191 -2.79 -15.71 -19.48
C SER B 191 -3.65 -14.74 -18.68
N GLY B 192 -3.34 -14.59 -17.40
CA GLY B 192 -4.10 -13.75 -16.50
C GLY B 192 -3.67 -12.31 -16.45
N ILE B 193 -2.56 -11.99 -17.09
CA ILE B 193 -2.01 -10.65 -17.12
C ILE B 193 -0.98 -10.61 -18.23
N PHE B 194 -0.90 -9.47 -18.90
CA PHE B 194 0.05 -9.29 -19.98
C PHE B 194 0.98 -8.15 -19.62
N GLU B 195 2.22 -8.26 -20.05
CA GLU B 195 3.24 -7.27 -19.75
C GLU B 195 3.82 -6.72 -21.04
N THR B 196 4.00 -5.40 -21.06
CA THR B 196 4.63 -4.73 -22.18
C THR B 196 5.71 -3.83 -21.58
N LYS B 197 6.88 -3.84 -22.19
CA LYS B 197 7.98 -2.98 -21.77
C LYS B 197 8.23 -1.92 -22.81
N PHE B 198 8.58 -0.73 -22.35
CA PHE B 198 8.91 0.39 -23.21
C PHE B 198 10.21 1.01 -22.72
N GLN B 199 10.97 1.55 -23.66
CA GLN B 199 12.09 2.42 -23.34
C GLN B 199 11.87 3.71 -24.13
N VAL B 200 11.57 4.79 -23.42
CA VAL B 200 11.29 6.07 -24.04
C VAL B 200 12.40 7.00 -23.55
N ASP B 201 13.25 7.43 -24.49
CA ASP B 201 14.38 8.31 -24.18
C ASP B 201 15.22 7.75 -23.04
N LYS B 202 15.58 6.47 -23.17
CA LYS B 202 16.41 5.76 -22.20
C LYS B 202 15.75 5.61 -20.82
N VAL B 203 14.43 5.73 -20.75
CA VAL B 203 13.70 5.52 -19.50
C VAL B 203 12.83 4.28 -19.68
N ASN B 204 12.92 3.36 -18.73
CA ASN B 204 12.26 2.06 -18.83
C ASN B 204 10.88 2.11 -18.20
N PHE B 205 9.86 1.81 -19.01
CA PHE B 205 8.48 1.73 -18.55
C PHE B 205 8.00 0.29 -18.65
N HIS B 206 7.20 -0.13 -17.68
CA HIS B 206 6.68 -1.48 -17.60
C HIS B 206 5.17 -1.39 -17.49
N MET B 207 4.46 -1.70 -18.57
CA MET B 207 3.01 -1.56 -18.61
C MET B 207 2.36 -2.92 -18.50
N PHE B 208 1.44 -3.04 -17.54
CA PHE B 208 0.70 -4.27 -17.30
C PHE B 208 -0.76 -4.09 -17.69
N ASP B 209 -1.25 -4.97 -18.54
CA ASP B 209 -2.63 -4.97 -18.99
C ASP B 209 -3.32 -6.15 -18.32
N VAL B 210 -4.47 -5.90 -17.71
CA VAL B 210 -5.18 -6.96 -17.01
C VAL B 210 -5.74 -7.93 -18.03
N GLY B 211 -5.32 -9.19 -17.93
CA GLY B 211 -5.76 -10.22 -18.86
C GLY B 211 -7.09 -10.82 -18.48
N ALA B 212 -7.21 -12.13 -18.65
CA ALA B 212 -8.48 -12.79 -18.44
C ALA B 212 -8.87 -12.89 -16.98
N GLN B 213 -8.93 -11.75 -16.28
CA GLN B 213 -9.35 -11.75 -14.90
C GLN B 213 -10.87 -11.62 -14.81
N ARG B 214 -11.41 -12.03 -13.67
CA ARG B 214 -12.83 -11.85 -13.41
C ARG B 214 -13.16 -10.38 -13.30
N ASP B 215 -14.39 -10.02 -13.70
CA ASP B 215 -14.84 -8.63 -13.69
C ASP B 215 -14.89 -8.02 -12.30
N GLU B 216 -14.73 -8.81 -11.23
CA GLU B 216 -14.73 -8.28 -9.88
C GLU B 216 -13.32 -7.81 -9.55
N ARG B 217 -13.13 -6.49 -9.53
CA ARG B 217 -11.81 -5.86 -9.44
C ARG B 217 -11.35 -5.58 -8.02
N ARG B 218 -12.23 -5.68 -7.02
CA ARG B 218 -11.91 -5.13 -5.71
C ARG B 218 -10.78 -5.84 -4.99
N LYS B 219 -10.33 -7.00 -5.46
CA LYS B 219 -9.27 -7.72 -4.77
C LYS B 219 -7.92 -7.63 -5.47
N TRP B 220 -7.85 -7.77 -6.79
CA TRP B 220 -6.55 -7.61 -7.42
C TRP B 220 -6.19 -6.16 -7.69
N ILE B 221 -7.14 -5.22 -7.56
CA ILE B 221 -6.80 -3.82 -7.73
C ILE B 221 -5.81 -3.37 -6.65
N GLN B 222 -5.88 -3.97 -5.46
CA GLN B 222 -5.00 -3.60 -4.38
C GLN B 222 -3.52 -3.83 -4.73
N CYS B 223 -3.24 -4.84 -5.56
CA CYS B 223 -1.87 -5.13 -5.93
C CYS B 223 -1.20 -3.94 -6.61
N PHE B 224 -1.90 -3.30 -7.53
CA PHE B 224 -1.35 -2.17 -8.25
C PHE B 224 -1.47 -0.86 -7.47
N ASN B 225 -1.00 -0.84 -6.22
CA ASN B 225 -1.13 0.35 -5.38
C ASN B 225 0.20 1.06 -5.20
N ASP B 226 1.23 0.65 -5.94
CA ASP B 226 2.54 1.28 -5.86
C ASP B 226 3.12 1.49 -7.26
N VAL B 227 2.28 1.42 -8.29
CA VAL B 227 2.72 1.72 -9.65
C VAL B 227 2.89 3.22 -9.80
N THR B 228 3.66 3.62 -10.82
CA THR B 228 3.84 5.04 -11.08
C THR B 228 2.50 5.69 -11.40
N ALA B 229 1.70 5.06 -12.22
CA ALA B 229 0.41 5.61 -12.60
C ALA B 229 -0.51 4.50 -13.05
N ILE B 230 -1.81 4.77 -12.98
CA ILE B 230 -2.84 3.92 -13.55
C ILE B 230 -3.34 4.59 -14.82
N ILE B 231 -3.32 3.88 -15.92
CA ILE B 231 -3.82 4.38 -17.19
C ILE B 231 -5.21 3.82 -17.38
N PHE B 232 -6.19 4.71 -17.40
CA PHE B 232 -7.61 4.35 -17.43
C PHE B 232 -8.13 4.84 -18.78
N VAL B 233 -8.64 3.92 -19.59
CA VAL B 233 -9.06 4.22 -20.95
C VAL B 233 -10.58 4.11 -21.03
N VAL B 234 -11.21 5.20 -21.43
CA VAL B 234 -12.66 5.31 -21.53
C VAL B 234 -13.00 5.71 -22.95
N ALA B 235 -13.90 4.97 -23.58
CA ALA B 235 -14.36 5.33 -24.91
C ALA B 235 -15.61 6.20 -24.79
N SER B 236 -15.61 7.31 -25.52
CA SER B 236 -16.73 8.23 -25.51
C SER B 236 -17.80 7.79 -26.51
N SER B 237 -19.04 8.17 -26.21
CA SER B 237 -20.18 7.83 -27.07
C SER B 237 -21.41 8.61 -26.64
N GLN B 248 -27.64 -1.04 -25.90
CA GLN B 248 -26.47 -0.25 -25.55
C GLN B 248 -26.67 0.49 -24.23
N THR B 249 -25.96 0.03 -23.19
CA THR B 249 -26.07 0.63 -21.87
C THR B 249 -25.25 1.93 -21.80
N ASN B 250 -25.42 2.67 -20.71
CA ASN B 250 -24.68 3.90 -20.50
C ASN B 250 -23.29 3.54 -20.01
N ARG B 251 -22.46 3.09 -20.96
CA ARG B 251 -21.13 2.62 -20.61
C ARG B 251 -20.27 3.71 -19.97
N LEU B 252 -20.47 4.96 -20.39
CA LEU B 252 -19.69 6.07 -19.84
C LEU B 252 -20.00 6.27 -18.36
N GLN B 253 -21.24 6.07 -17.95
CA GLN B 253 -21.56 6.16 -16.52
C GLN B 253 -20.90 5.03 -15.75
N ALA B 254 -20.79 3.85 -16.35
CA ALA B 254 -20.07 2.77 -15.71
C ALA B 254 -18.60 3.14 -15.55
N ALA B 255 -18.03 3.78 -16.57
CA ALA B 255 -16.65 4.22 -16.47
C ALA B 255 -16.48 5.27 -15.38
N LEU B 256 -17.46 6.16 -15.23
CA LEU B 256 -17.39 7.16 -14.16
C LEU B 256 -17.48 6.49 -12.80
N LYS B 257 -18.32 5.46 -12.67
CA LYS B 257 -18.45 4.76 -11.39
C LYS B 257 -17.18 3.99 -11.05
N LEU B 258 -16.50 3.46 -12.08
CA LEU B 258 -15.24 2.77 -11.85
C LEU B 258 -14.13 3.75 -11.51
N PHE B 259 -14.06 4.88 -12.22
CA PHE B 259 -13.08 5.90 -11.88
C PHE B 259 -13.29 6.39 -10.45
N ASP B 260 -14.56 6.50 -10.06
CA ASP B 260 -14.90 6.94 -8.73
C ASP B 260 -14.41 5.93 -7.70
N SER B 261 -14.63 4.65 -7.98
CA SER B 261 -14.23 3.57 -7.08
C SER B 261 -12.71 3.50 -6.94
N ILE B 262 -12.00 3.67 -8.06
CA ILE B 262 -10.54 3.58 -8.05
C ILE B 262 -9.91 4.81 -7.39
N TRP B 263 -10.51 5.99 -7.60
CA TRP B 263 -9.95 7.21 -7.03
C TRP B 263 -10.09 7.23 -5.52
N ASN B 264 -11.22 6.78 -5.00
CA ASN B 264 -11.53 6.80 -3.58
C ASN B 264 -11.11 5.52 -2.86
N ASN B 265 -10.31 4.67 -3.48
CA ASN B 265 -9.87 3.44 -2.83
C ASN B 265 -8.85 3.74 -1.73
N LYS B 266 -9.01 3.05 -0.60
CA LYS B 266 -8.15 3.23 0.57
C LYS B 266 -6.70 2.88 0.30
N TRP B 267 -6.41 2.14 -0.77
CA TRP B 267 -5.06 1.73 -1.10
C TRP B 267 -4.49 2.48 -2.29
N LEU B 268 -5.32 3.22 -3.02
CA LEU B 268 -4.90 3.92 -4.23
C LEU B 268 -4.85 5.42 -4.02
N ARG B 269 -4.88 5.86 -2.75
CA ARG B 269 -4.86 7.27 -2.40
C ARG B 269 -3.56 7.97 -2.75
N ASP B 270 -2.53 7.23 -3.16
CA ASP B 270 -1.25 7.82 -3.52
C ASP B 270 -0.85 7.42 -4.92
N THR B 271 -1.83 7.13 -5.78
CA THR B 271 -1.59 6.70 -7.15
C THR B 271 -2.28 7.66 -8.09
N SER B 272 -1.52 8.26 -8.99
CA SER B 272 -2.10 9.16 -9.97
C SER B 272 -2.73 8.35 -11.10
N VAL B 273 -3.66 8.98 -11.79
CA VAL B 273 -4.40 8.34 -12.88
C VAL B 273 -4.18 9.14 -14.14
N ILE B 274 -3.73 8.47 -15.19
CA ILE B 274 -3.66 9.04 -16.53
C ILE B 274 -4.91 8.56 -17.26
N LEU B 275 -5.75 9.49 -17.68
CA LEU B 275 -7.07 9.16 -18.18
C LEU B 275 -7.13 9.47 -19.67
N PHE B 276 -7.43 8.46 -20.47
CA PHE B 276 -7.60 8.62 -21.90
C PHE B 276 -9.08 8.54 -22.25
N LEU B 277 -9.57 9.55 -22.94
CA LEU B 277 -10.92 9.55 -23.46
C LEU B 277 -10.80 9.23 -24.94
N ASN B 278 -11.31 8.09 -25.34
CA ASN B 278 -11.05 7.56 -26.67
C ASN B 278 -12.25 7.80 -27.59
N LYS B 279 -12.08 7.39 -28.86
CA LYS B 279 -13.13 7.46 -29.86
C LYS B 279 -13.72 8.85 -29.95
N GLN B 280 -12.83 9.85 -30.03
CA GLN B 280 -13.29 11.24 -30.12
C GLN B 280 -14.03 11.49 -31.42
N ASP B 281 -13.66 10.81 -32.51
CA ASP B 281 -14.32 11.05 -33.78
C ASP B 281 -15.72 10.45 -33.78
N LEU B 282 -15.95 9.40 -32.98
CA LEU B 282 -17.28 8.84 -32.87
C LEU B 282 -18.18 9.75 -32.05
N LEU B 283 -17.61 10.37 -31.01
CA LEU B 283 -18.35 11.37 -30.26
C LEU B 283 -18.69 12.56 -31.15
N ALA B 284 -17.73 13.01 -31.97
CA ALA B 284 -17.98 14.13 -32.86
C ALA B 284 -19.11 13.83 -33.84
N GLU B 285 -19.09 12.63 -34.45
CA GLU B 285 -20.14 12.31 -35.42
C GLU B 285 -21.49 12.15 -34.73
N LYS B 286 -21.51 11.52 -33.55
CA LYS B 286 -22.78 11.35 -32.85
C LYS B 286 -23.37 12.69 -32.41
N VAL B 287 -22.52 13.61 -31.93
CA VAL B 287 -23.03 14.89 -31.45
C VAL B 287 -23.46 15.78 -32.60
N LEU B 288 -22.67 15.85 -33.67
CA LEU B 288 -23.04 16.76 -34.77
C LEU B 288 -24.25 16.25 -35.52
N ALA B 289 -24.46 14.93 -35.56
CA ALA B 289 -25.61 14.33 -36.23
C ALA B 289 -26.93 14.92 -35.74
N LYS B 293 -28.15 14.42 -27.66
CA LYS B 293 -28.44 13.04 -27.31
C LYS B 293 -27.83 12.79 -25.93
N ILE B 294 -26.83 13.60 -25.58
CA ILE B 294 -26.16 13.47 -24.29
C ILE B 294 -27.16 13.75 -23.16
N GLU B 295 -28.08 14.68 -23.38
CA GLU B 295 -29.07 15.07 -22.37
C GLU B 295 -29.95 13.90 -21.93
N ASP B 296 -29.96 12.81 -22.69
CA ASP B 296 -30.73 11.62 -22.31
C ASP B 296 -29.97 10.77 -21.30
N TYR B 297 -28.72 11.09 -21.04
CA TYR B 297 -27.91 10.44 -20.00
C TYR B 297 -27.38 11.42 -18.97
N PHE B 298 -27.08 12.66 -19.37
CA PHE B 298 -26.51 13.68 -18.49
C PHE B 298 -27.27 14.99 -18.67
N PRO B 299 -28.44 15.12 -18.06
CA PRO B 299 -29.29 16.30 -18.28
C PRO B 299 -28.57 17.63 -18.11
N GLU B 300 -27.62 17.71 -17.17
CA GLU B 300 -26.91 18.96 -16.93
C GLU B 300 -26.11 19.42 -18.14
N PHE B 301 -25.89 18.54 -19.11
CA PHE B 301 -25.20 18.95 -20.34
C PHE B 301 -25.96 20.03 -21.08
N ALA B 302 -27.29 20.09 -20.91
CA ALA B 302 -28.08 21.13 -21.57
C ALA B 302 -27.68 22.54 -21.14
N ARG B 303 -27.10 22.70 -19.94
CA ARG B 303 -26.69 24.01 -19.45
C ARG B 303 -25.17 24.16 -19.38
N TYR B 304 -24.42 23.21 -19.91
CA TYR B 304 -22.97 23.28 -19.86
C TYR B 304 -22.43 24.15 -20.99
N THR B 305 -21.42 24.95 -20.67
CA THR B 305 -20.71 25.74 -21.67
C THR B 305 -19.22 25.39 -21.64
N THR B 306 -18.60 25.47 -22.81
CA THR B 306 -17.17 25.19 -22.94
C THR B 306 -16.36 26.18 -22.11
N PRO B 307 -15.40 25.72 -21.31
CA PRO B 307 -14.54 26.66 -20.58
C PRO B 307 -13.80 27.59 -21.53
N GLU B 308 -13.58 28.82 -21.06
CA GLU B 308 -12.88 29.82 -21.88
C GLU B 308 -11.43 29.44 -22.15
N ASP B 309 -10.83 28.57 -21.34
CA ASP B 309 -9.43 28.18 -21.52
C ASP B 309 -9.31 26.85 -22.25
N ALA B 310 -10.38 26.41 -22.90
CA ALA B 310 -10.34 25.21 -23.74
C ALA B 310 -9.50 25.46 -24.98
N THR B 311 -8.79 24.44 -25.43
CA THR B 311 -7.94 24.52 -26.62
C THR B 311 -8.33 23.42 -27.60
N PRO B 312 -9.48 23.55 -28.25
CA PRO B 312 -9.92 22.53 -29.20
C PRO B 312 -9.09 22.59 -30.47
N GLU B 313 -9.10 21.46 -31.18
CA GLU B 313 -8.40 21.40 -32.46
C GLU B 313 -9.14 22.23 -33.49
N PRO B 314 -8.42 22.82 -34.45
CA PRO B 314 -9.10 23.55 -35.54
C PRO B 314 -10.04 22.64 -36.32
N GLY B 315 -11.20 23.20 -36.67
CA GLY B 315 -12.17 22.51 -37.47
C GLY B 315 -13.27 21.82 -36.68
N GLU B 316 -13.13 21.73 -35.36
CA GLU B 316 -14.15 21.05 -34.56
C GLU B 316 -15.41 21.89 -34.40
N ASP B 317 -16.56 21.21 -34.43
CA ASP B 317 -17.84 21.85 -34.18
C ASP B 317 -17.98 22.15 -32.68
N PRO B 318 -18.25 23.40 -32.30
CA PRO B 318 -18.34 23.74 -30.87
C PRO B 318 -19.19 22.79 -30.03
N ARG B 319 -20.17 22.11 -30.63
CA ARG B 319 -20.94 21.13 -29.88
C ARG B 319 -20.10 19.92 -29.51
N VAL B 320 -19.13 19.59 -30.36
CA VAL B 320 -18.22 18.48 -30.08
C VAL B 320 -17.28 18.87 -28.96
N THR B 321 -16.82 20.12 -28.98
CA THR B 321 -15.97 20.62 -27.91
C THR B 321 -16.74 20.66 -26.58
N ARG B 322 -18.02 21.03 -26.63
CA ARG B 322 -18.81 21.00 -25.40
C ARG B 322 -18.95 19.58 -24.87
N ALA B 323 -19.19 18.61 -25.76
CA ALA B 323 -19.33 17.23 -25.31
C ALA B 323 -18.03 16.72 -24.71
N LYS B 324 -16.90 17.00 -25.38
CA LYS B 324 -15.61 16.51 -24.90
C LYS B 324 -15.28 17.10 -23.54
N TYR B 325 -15.42 18.42 -23.40
CA TYR B 325 -15.07 19.04 -22.13
C TYR B 325 -16.08 18.72 -21.04
N PHE B 326 -17.35 18.49 -21.40
CA PHE B 326 -18.31 18.05 -20.42
C PHE B 326 -17.91 16.71 -19.83
N ILE B 327 -17.55 15.74 -20.69
CA ILE B 327 -17.16 14.43 -20.19
C ILE B 327 -15.88 14.54 -19.36
N ARG B 328 -14.89 15.29 -19.87
CA ARG B 328 -13.66 15.48 -19.11
C ARG B 328 -13.96 16.07 -17.74
N ASP B 329 -14.86 17.06 -17.71
CA ASP B 329 -15.24 17.71 -16.46
C ASP B 329 -15.95 16.73 -15.55
N GLU B 330 -16.73 15.81 -16.12
CA GLU B 330 -17.42 14.82 -15.31
C GLU B 330 -16.42 13.94 -14.58
N PHE B 331 -15.30 13.62 -15.23
CA PHE B 331 -14.26 12.89 -14.52
C PHE B 331 -13.50 13.78 -13.54
N LEU B 332 -13.18 15.00 -13.98
CA LEU B 332 -12.40 15.92 -13.16
C LEU B 332 -13.14 16.37 -11.91
N ARG B 333 -14.47 16.45 -11.94
CA ARG B 333 -15.18 16.82 -10.72
C ARG B 333 -14.95 15.79 -9.62
N ILE B 334 -14.94 14.51 -9.98
CA ILE B 334 -14.63 13.46 -9.01
C ILE B 334 -13.17 13.59 -8.56
N SER B 335 -12.27 13.77 -9.53
CA SER B 335 -10.85 13.84 -9.22
C SER B 335 -10.54 14.98 -8.25
N THR B 336 -11.09 16.16 -8.52
CA THR B 336 -10.85 17.31 -7.66
C THR B 336 -11.55 17.17 -6.32
N ALA B 337 -12.80 16.69 -6.31
CA ALA B 337 -13.55 16.63 -5.06
C ALA B 337 -12.90 15.68 -4.08
N SER B 338 -12.39 14.55 -4.55
CA SER B 338 -11.82 13.58 -3.61
C SER B 338 -10.33 13.78 -3.35
N GLY B 339 -9.60 14.36 -4.30
CA GLY B 339 -8.16 14.45 -4.14
C GLY B 339 -7.74 15.43 -3.05
N ASP B 340 -6.66 15.08 -2.36
CA ASP B 340 -6.09 15.92 -1.31
C ASP B 340 -4.62 16.24 -1.60
N GLY B 341 -4.28 16.41 -2.88
CA GLY B 341 -2.91 16.72 -3.25
C GLY B 341 -1.97 15.55 -3.29
N ARG B 342 -2.46 14.34 -3.02
CA ARG B 342 -1.64 13.13 -3.01
C ARG B 342 -1.54 12.49 -4.39
N HIS B 343 -2.52 12.72 -5.24
CA HIS B 343 -2.53 12.15 -6.58
C HIS B 343 -3.46 12.98 -7.45
N TYR B 344 -3.20 12.99 -8.74
CA TYR B 344 -3.92 13.85 -9.68
C TYR B 344 -4.31 13.05 -10.91
N CYS B 345 -5.33 13.54 -11.59
CA CYS B 345 -5.79 12.96 -12.85
C CYS B 345 -5.28 13.82 -13.99
N TYR B 346 -4.82 13.15 -15.05
CA TYR B 346 -4.27 13.80 -16.25
C TYR B 346 -5.11 13.38 -17.45
N PRO B 347 -6.30 13.92 -17.60
CA PRO B 347 -7.17 13.50 -18.70
C PRO B 347 -6.63 13.95 -20.05
N HIS B 348 -6.84 13.10 -21.06
CA HIS B 348 -6.41 13.39 -22.41
C HIS B 348 -7.49 12.97 -23.39
N PHE B 349 -7.55 13.67 -24.52
CA PHE B 349 -8.49 13.40 -25.60
C PHE B 349 -7.70 12.74 -26.73
N THR B 350 -7.84 11.43 -26.89
CA THR B 350 -7.05 10.75 -27.90
C THR B 350 -7.96 10.09 -28.93
N CYS B 351 -7.37 9.88 -30.10
CA CYS B 351 -7.99 9.21 -31.24
C CYS B 351 -7.66 7.72 -31.23
N ALA B 352 -8.43 6.96 -32.01
CA ALA B 352 -8.16 5.53 -32.15
C ALA B 352 -6.75 5.31 -32.67
N VAL B 353 -6.29 6.18 -33.57
CA VAL B 353 -4.94 6.12 -34.12
C VAL B 353 -4.25 7.43 -33.75
N ASP B 354 -3.28 7.33 -32.84
CA ASP B 354 -2.52 8.48 -32.37
C ASP B 354 -1.26 7.96 -31.71
N THR B 355 -0.10 8.22 -32.31
CA THR B 355 1.14 7.72 -31.73
C THR B 355 1.62 8.59 -30.58
N GLU B 356 1.13 9.83 -30.49
CA GLU B 356 1.57 10.73 -29.43
C GLU B 356 1.21 10.21 -28.03
N ASN B 357 0.32 9.23 -27.93
CA ASN B 357 -0.09 8.69 -26.64
C ASN B 357 1.10 8.26 -25.78
N ILE B 358 2.11 7.65 -26.38
CA ILE B 358 3.26 7.22 -25.59
C ILE B 358 3.96 8.43 -24.97
N ARG B 359 4.10 9.51 -25.74
CA ARG B 359 4.69 10.71 -25.16
C ARG B 359 3.80 11.26 -24.07
N ARG B 360 2.48 11.26 -24.31
CA ARG B 360 1.52 11.73 -23.32
C ARG B 360 1.70 10.99 -22.00
N VAL B 361 2.15 9.74 -22.08
CA VAL B 361 2.37 8.95 -20.89
C VAL B 361 3.71 9.34 -20.27
N PHE B 362 4.73 9.47 -21.12
CA PHE B 362 6.05 9.82 -20.63
C PHE B 362 5.97 11.11 -19.82
N ASN B 363 5.37 12.13 -20.44
CA ASN B 363 5.26 13.44 -19.80
C ASN B 363 4.38 13.38 -18.56
N ASP B 364 3.29 12.59 -18.60
CA ASP B 364 2.43 12.54 -17.41
C ASP B 364 3.16 11.89 -16.25
N CYS B 365 3.90 10.82 -16.51
CA CYS B 365 4.68 10.18 -15.43
C CYS B 365 5.72 11.15 -14.89
N ARG B 366 6.38 11.89 -15.80
CA ARG B 366 7.36 12.87 -15.35
C ARG B 366 6.70 13.87 -14.42
N ASP B 367 5.54 14.39 -14.82
CA ASP B 367 4.87 15.39 -14.00
C ASP B 367 4.51 14.80 -12.65
N ILE B 368 4.09 13.52 -12.65
CA ILE B 368 3.68 12.88 -11.41
C ILE B 368 4.85 12.86 -10.44
N ILE B 369 6.00 12.36 -10.90
CA ILE B 369 7.15 12.23 -10.02
C ILE B 369 7.61 13.61 -9.57
N GLN B 370 7.63 14.58 -10.50
CA GLN B 370 8.12 15.91 -10.17
C GLN B 370 7.27 16.50 -9.06
N ARG B 371 5.94 16.45 -9.21
CA ARG B 371 5.12 17.10 -8.21
C ARG B 371 5.13 16.32 -6.91
N MET B 372 5.34 15.00 -6.98
CA MET B 372 5.50 14.21 -5.76
C MET B 372 6.68 14.72 -4.95
N HIS B 373 7.84 14.84 -5.60
CA HIS B 373 9.03 15.36 -4.91
C HIS B 373 8.82 16.79 -4.45
N LEU B 374 8.21 17.63 -5.30
CA LEU B 374 7.99 19.02 -4.90
C LEU B 374 7.11 19.07 -3.66
N ARG B 375 6.15 18.15 -3.57
CA ARG B 375 5.30 18.08 -2.38
C ARG B 375 6.15 17.68 -1.19
N GLN B 376 7.14 16.82 -1.41
CA GLN B 376 7.99 16.35 -0.32
C GLN B 376 8.96 17.44 0.13
N TYR B 377 9.40 18.30 -0.78
CA TYR B 377 10.34 19.36 -0.46
C TYR B 377 9.63 20.59 0.09
N GLU B 378 8.30 20.57 0.13
CA GLU B 378 7.44 21.66 0.60
C GLU B 378 7.41 22.85 -0.36
N LEU B 379 7.77 22.63 -1.63
CA LEU B 379 7.69 23.70 -2.62
C LEU B 379 6.37 23.69 -3.37
N LEU B 380 5.51 22.71 -3.11
CA LEU B 380 4.22 22.61 -3.80
C LEU B 380 3.23 21.86 -2.91
N GLU C 21 -40.82 -22.47 -12.91
CA GLU C 21 -40.09 -23.46 -12.13
C GLU C 21 -39.02 -22.77 -11.27
N LEU C 22 -38.43 -21.71 -11.83
CA LEU C 22 -37.30 -21.05 -11.17
C LEU C 22 -37.70 -20.52 -9.80
N ASP C 23 -38.91 -19.96 -9.68
CA ASP C 23 -39.36 -19.47 -8.38
C ASP C 23 -39.67 -20.62 -7.44
N GLN C 24 -40.11 -21.75 -7.96
CA GLN C 24 -40.40 -22.89 -7.08
C GLN C 24 -39.11 -23.52 -6.58
N LEU C 25 -38.09 -23.57 -7.44
CA LEU C 25 -36.77 -24.04 -7.00
C LEU C 25 -36.17 -23.07 -5.98
N ARG C 26 -36.34 -21.76 -6.17
CA ARG C 26 -35.85 -20.81 -5.18
C ARG C 26 -36.58 -20.99 -3.85
N GLN C 27 -37.91 -21.22 -3.89
CA GLN C 27 -38.64 -21.49 -2.67
C GLN C 27 -38.17 -22.78 -2.00
N GLU C 28 -37.86 -23.81 -2.81
CA GLU C 28 -37.34 -25.05 -2.25
C GLU C 28 -35.99 -24.82 -1.58
N ALA C 29 -35.13 -24.03 -2.22
CA ALA C 29 -33.85 -23.70 -1.62
C ALA C 29 -34.03 -22.94 -0.31
N GLU C 30 -35.01 -22.04 -0.27
CA GLU C 30 -35.27 -21.29 0.96
C GLU C 30 -35.81 -22.23 2.05
N GLN C 31 -36.63 -23.21 1.67
CA GLN C 31 -37.12 -24.18 2.65
C GLN C 31 -35.97 -25.01 3.20
N LEU C 32 -35.03 -25.42 2.34
CA LEU C 32 -33.88 -26.18 2.81
C LEU C 32 -33.00 -25.32 3.72
N LYS C 33 -32.85 -24.03 3.37
CA LYS C 33 -32.11 -23.11 4.22
C LYS C 33 -32.78 -22.95 5.58
N ASN C 34 -34.11 -22.90 5.60
CA ASN C 34 -34.82 -22.79 6.87
C ASN C 34 -34.64 -24.06 7.69
N GLN C 35 -34.64 -25.21 7.03
CA GLN C 35 -34.40 -26.47 7.74
C GLN C 35 -33.00 -26.50 8.33
N ILE C 36 -32.02 -26.00 7.57
CA ILE C 36 -30.64 -25.94 8.06
C ILE C 36 -30.55 -25.00 9.26
N ARG C 37 -31.19 -23.83 9.16
CA ARG C 37 -31.17 -22.88 10.27
C ARG C 37 -31.81 -23.49 11.52
N ASP C 38 -32.91 -24.22 11.36
CA ASP C 38 -33.57 -24.82 12.51
C ASP C 38 -32.73 -25.95 13.10
N ALA C 39 -32.10 -26.77 12.24
CA ALA C 39 -31.22 -27.81 12.73
C ALA C 39 -30.03 -27.24 13.48
N ARG C 40 -29.52 -26.09 13.03
CA ARG C 40 -28.40 -25.48 13.74
C ARG C 40 -28.85 -24.86 15.05
N LYS C 41 -30.01 -24.20 15.06
CA LYS C 41 -30.54 -23.65 16.30
C LYS C 41 -30.79 -24.74 17.33
N ALA C 42 -31.23 -25.92 16.86
CA ALA C 42 -31.53 -27.02 17.79
C ALA C 42 -30.31 -27.43 18.60
N CYS C 43 -29.11 -27.22 18.07
CA CYS C 43 -27.90 -27.67 18.76
C CYS C 43 -27.28 -26.58 19.62
N ALA C 44 -27.79 -25.36 19.58
CA ALA C 44 -27.17 -24.24 20.30
C ALA C 44 -27.73 -24.20 21.73
N ASP C 45 -27.34 -25.20 22.51
CA ASP C 45 -27.79 -25.23 23.90
C ASP C 45 -27.07 -24.18 24.74
N ALA C 46 -25.82 -23.89 24.40
CA ALA C 46 -25.02 -22.91 25.14
C ALA C 46 -23.94 -22.38 24.20
N THR C 47 -23.47 -21.18 24.49
CA THR C 47 -22.39 -20.58 23.74
C THR C 47 -21.04 -20.95 24.37
N LEU C 48 -19.97 -20.71 23.60
CA LEU C 48 -18.63 -20.93 24.13
C LEU C 48 -18.35 -19.97 25.28
N SER C 49 -18.81 -18.72 25.16
CA SER C 49 -18.55 -17.72 26.17
C SER C 49 -19.25 -18.03 27.49
N GLN C 50 -20.22 -18.95 27.50
CA GLN C 50 -20.88 -19.34 28.73
C GLN C 50 -20.23 -20.56 29.40
N ILE C 51 -19.24 -21.16 28.75
CA ILE C 51 -18.54 -22.31 29.30
C ILE C 51 -17.15 -21.93 29.81
N THR C 52 -16.44 -21.10 29.04
CA THR C 52 -15.08 -20.70 29.35
C THR C 52 -15.00 -19.52 30.32
N ASN C 53 -16.13 -19.06 30.89
CA ASN C 53 -16.04 -17.96 31.83
C ASN C 53 -15.37 -18.38 33.13
N ASN C 54 -15.21 -19.68 33.38
CA ASN C 54 -14.54 -20.20 34.56
C ASN C 54 -13.10 -20.59 34.26
N ILE C 55 -12.56 -20.15 33.12
CA ILE C 55 -11.22 -20.51 32.69
C ILE C 55 -10.32 -19.30 32.90
N ASP C 56 -9.18 -19.52 33.54
CA ASP C 56 -8.26 -18.42 33.83
C ASP C 56 -7.83 -17.75 32.53
N PRO C 57 -7.71 -16.43 32.52
CA PRO C 57 -7.28 -15.73 31.30
C PRO C 57 -5.81 -16.01 31.02
N VAL C 58 -5.45 -15.86 29.75
CA VAL C 58 -4.05 -16.03 29.37
C VAL C 58 -3.17 -14.95 29.98
N GLY C 59 -3.76 -13.81 30.34
CA GLY C 59 -2.98 -12.73 30.88
C GLY C 59 -2.41 -11.85 29.77
N ARG C 60 -1.44 -11.03 30.14
CA ARG C 60 -0.85 -10.11 29.18
C ARG C 60 0.21 -10.84 28.39
N ILE C 61 0.14 -10.76 27.07
CA ILE C 61 1.12 -11.37 26.20
C ILE C 61 1.92 -10.26 25.55
N GLN C 62 3.22 -10.25 25.80
CA GLN C 62 4.13 -9.23 25.31
C GLN C 62 5.19 -9.91 24.48
N MET C 63 4.96 -10.00 23.19
CA MET C 63 5.94 -10.57 22.29
C MET C 63 6.90 -9.46 21.89
N ARG C 64 8.13 -9.84 21.57
CA ARG C 64 9.12 -8.87 21.18
C ARG C 64 9.72 -9.30 19.85
N THR C 65 10.03 -8.33 19.01
CA THR C 65 10.67 -8.67 17.75
C THR C 65 12.06 -9.19 18.05
N ARG C 66 12.39 -10.35 17.51
CA ARG C 66 13.73 -10.90 17.71
C ARG C 66 14.59 -10.68 16.49
N ARG C 67 14.03 -10.87 15.30
CA ARG C 67 14.77 -10.74 14.07
C ARG C 67 13.90 -10.01 13.07
N THR C 68 14.56 -9.27 12.18
CA THR C 68 13.90 -8.58 11.08
C THR C 68 14.62 -9.01 9.82
N LEU C 69 13.86 -9.37 8.79
CA LEU C 69 14.44 -9.88 7.57
C LEU C 69 14.27 -8.83 6.48
N ARG C 70 15.37 -8.40 5.90
CA ARG C 70 15.40 -7.36 4.90
C ARG C 70 16.02 -7.91 3.62
N GLY C 71 15.62 -7.34 2.50
CA GLY C 71 16.12 -7.78 1.22
C GLY C 71 15.07 -7.63 0.15
N HIS C 72 13.80 -7.74 0.52
CA HIS C 72 12.74 -7.48 -0.44
C HIS C 72 12.68 -5.99 -0.75
N LEU C 73 12.26 -5.67 -1.96
CA LEU C 73 12.11 -4.29 -2.37
C LEU C 73 10.66 -3.82 -2.36
N ALA C 74 9.74 -4.66 -2.82
CA ALA C 74 8.33 -4.39 -2.90
C ALA C 74 7.59 -5.01 -1.73
N LYS C 75 6.33 -4.61 -1.58
CA LYS C 75 5.47 -5.17 -0.54
C LYS C 75 5.44 -6.68 -0.59
N ILE C 76 5.47 -7.30 0.58
CA ILE C 76 5.46 -8.75 0.71
C ILE C 76 4.01 -9.22 0.74
N TYR C 77 3.64 -10.10 -0.18
CA TYR C 77 2.30 -10.66 -0.19
C TYR C 77 2.17 -11.99 0.54
N ALA C 78 3.21 -12.81 0.57
CA ALA C 78 3.04 -14.14 1.13
C ALA C 78 4.29 -14.58 1.88
N MET C 79 4.06 -15.41 2.89
CA MET C 79 5.10 -15.99 3.73
C MET C 79 4.61 -17.36 4.16
N HIS C 80 5.53 -18.32 4.25
CA HIS C 80 5.14 -19.63 4.75
C HIS C 80 6.34 -20.29 5.42
N TRP C 81 6.12 -20.81 6.62
CA TRP C 81 7.15 -21.54 7.35
C TRP C 81 7.31 -22.93 6.78
N GLY C 82 8.55 -23.42 6.79
CA GLY C 82 8.79 -24.79 6.45
C GLY C 82 8.47 -25.70 7.60
N THR C 83 8.56 -27.00 7.35
CA THR C 83 8.18 -27.97 8.38
C THR C 83 9.27 -28.15 9.43
N ASP C 84 10.46 -27.62 9.22
CA ASP C 84 11.52 -27.70 10.21
C ASP C 84 11.52 -26.53 11.17
N SER C 85 10.55 -25.61 11.03
CA SER C 85 10.42 -24.41 11.86
C SER C 85 11.65 -23.52 11.80
N ARG C 86 12.46 -23.65 10.76
CA ARG C 86 13.68 -22.87 10.64
C ARG C 86 13.78 -22.06 9.35
N LEU C 87 13.18 -22.51 8.26
CA LEU C 87 13.29 -21.82 6.99
C LEU C 87 11.96 -21.16 6.62
N LEU C 88 12.07 -20.03 5.95
CA LEU C 88 10.92 -19.27 5.46
C LEU C 88 11.03 -19.05 3.97
N VAL C 89 9.87 -18.99 3.32
CA VAL C 89 9.77 -18.50 1.96
C VAL C 89 8.88 -17.27 1.99
N SER C 90 9.29 -16.23 1.27
CA SER C 90 8.49 -15.02 1.17
C SER C 90 8.49 -14.54 -0.27
N ALA C 91 7.43 -13.83 -0.63
CA ALA C 91 7.22 -13.37 -1.99
C ALA C 91 6.90 -11.89 -1.94
N SER C 92 7.59 -11.10 -2.74
CA SER C 92 7.29 -9.68 -2.85
C SER C 92 6.74 -9.40 -4.23
N GLN C 93 6.41 -8.13 -4.48
CA GLN C 93 5.87 -7.74 -5.77
C GLN C 93 6.96 -7.41 -6.77
N ASP C 94 8.23 -7.56 -6.38
CA ASP C 94 9.32 -7.34 -7.32
C ASP C 94 9.40 -8.45 -8.36
N GLY C 95 9.08 -9.65 -7.89
CA GLY C 95 9.13 -10.88 -8.66
C GLY C 95 10.28 -11.66 -8.07
N LYS C 96 10.27 -11.82 -6.75
CA LYS C 96 11.34 -12.53 -6.08
C LYS C 96 10.98 -13.33 -4.84
N LEU C 97 11.26 -14.63 -4.86
CA LEU C 97 11.07 -15.45 -3.68
C LEU C 97 12.41 -15.49 -2.97
N ILE C 98 12.40 -15.38 -1.65
CA ILE C 98 13.62 -15.51 -0.87
C ILE C 98 13.42 -16.58 0.18
N ILE C 99 14.37 -17.49 0.29
CA ILE C 99 14.42 -18.47 1.35
C ILE C 99 15.32 -17.91 2.44
N TRP C 100 14.83 -17.93 3.67
CA TRP C 100 15.51 -17.33 4.80
C TRP C 100 15.83 -18.39 5.84
N ASP C 101 16.89 -18.15 6.60
CA ASP C 101 17.23 -18.95 7.76
C ASP C 101 16.81 -18.11 8.94
N SER C 102 15.66 -18.45 9.53
CA SER C 102 15.10 -17.63 10.60
C SER C 102 16.04 -17.52 11.78
N TYR C 103 16.85 -18.55 12.03
CA TYR C 103 17.77 -18.51 13.16
C TYR C 103 18.88 -17.49 12.95
N THR C 104 19.59 -17.58 11.83
CA THR C 104 20.75 -16.74 11.57
C THR C 104 20.45 -15.55 10.68
N THR C 105 19.19 -15.34 10.29
CA THR C 105 18.77 -14.20 9.47
C THR C 105 19.43 -14.22 8.10
N ASN C 106 20.17 -15.27 7.79
CA ASN C 106 20.82 -15.43 6.50
C ASN C 106 19.81 -15.81 5.43
N LYS C 107 20.11 -15.43 4.20
CA LYS C 107 19.34 -15.83 3.04
C LYS C 107 19.89 -17.14 2.51
N VAL C 108 19.02 -17.95 1.93
CA VAL C 108 19.41 -19.23 1.33
C VAL C 108 19.26 -19.19 -0.18
N HIS C 109 18.13 -18.71 -0.67
CA HIS C 109 17.89 -18.58 -2.11
C HIS C 109 17.18 -17.26 -2.38
N ALA C 110 17.27 -16.81 -3.62
CA ALA C 110 16.58 -15.61 -4.07
C ALA C 110 16.17 -15.92 -5.52
N ILE C 111 14.92 -16.34 -5.67
CA ILE C 111 14.43 -16.90 -6.93
C ILE C 111 13.75 -15.77 -7.71
N PRO C 112 14.23 -15.41 -8.90
CA PRO C 112 13.46 -14.49 -9.74
C PRO C 112 12.27 -15.21 -10.36
N LEU C 113 11.20 -14.45 -10.52
CA LEU C 113 9.94 -14.98 -11.03
C LEU C 113 9.70 -14.50 -12.46
N ARG C 114 8.97 -15.31 -13.22
CA ARG C 114 8.62 -14.92 -14.59
C ARG C 114 7.81 -13.64 -14.59
N SER C 115 6.96 -13.45 -13.57
CA SER C 115 6.14 -12.26 -13.44
C SER C 115 6.22 -11.77 -12.00
N SER C 116 6.09 -10.45 -11.83
CA SER C 116 6.27 -9.84 -10.52
C SER C 116 5.01 -9.85 -9.67
N TRP C 117 3.84 -10.09 -10.28
CA TRP C 117 2.58 -9.98 -9.56
C TRP C 117 2.21 -11.33 -8.94
N VAL C 118 2.97 -11.67 -7.91
CA VAL C 118 2.78 -12.91 -7.17
C VAL C 118 2.02 -12.60 -5.88
N MET C 119 0.98 -13.39 -5.61
CA MET C 119 0.08 -13.14 -4.50
C MET C 119 0.17 -14.19 -3.40
N THR C 120 0.74 -15.36 -3.69
CA THR C 120 0.82 -16.44 -2.72
C THR C 120 2.12 -17.20 -2.90
N CYS C 121 2.52 -17.90 -1.84
CA CYS C 121 3.63 -18.84 -1.90
C CYS C 121 3.38 -19.94 -0.89
N ALA C 122 4.09 -21.05 -1.06
CA ALA C 122 3.96 -22.16 -0.14
C ALA C 122 5.26 -22.94 -0.13
N TYR C 123 5.59 -23.49 1.04
CA TYR C 123 6.79 -24.28 1.24
C TYR C 123 6.37 -25.73 1.40
N ALA C 124 6.97 -26.61 0.61
CA ALA C 124 6.59 -28.02 0.63
C ALA C 124 6.87 -28.62 2.00
N PRO C 125 6.04 -29.58 2.44
CA PRO C 125 6.26 -30.20 3.76
C PRO C 125 7.57 -30.97 3.83
N SER C 126 8.13 -31.37 2.70
CA SER C 126 9.42 -32.04 2.66
C SER C 126 10.58 -31.07 2.57
N GLY C 127 10.32 -29.81 2.22
CA GLY C 127 11.37 -28.84 2.03
C GLY C 127 12.02 -28.90 0.67
N ASN C 128 11.53 -29.74 -0.24
CA ASN C 128 12.15 -29.90 -1.54
C ASN C 128 11.65 -28.89 -2.56
N TYR C 129 10.43 -28.38 -2.41
CA TYR C 129 9.80 -27.55 -3.41
C TYR C 129 9.23 -26.27 -2.81
N VAL C 130 9.16 -25.25 -3.65
CA VAL C 130 8.51 -23.98 -3.33
C VAL C 130 7.51 -23.67 -4.43
N ALA C 131 6.29 -23.30 -4.04
CA ALA C 131 5.23 -22.93 -4.96
C ALA C 131 4.91 -21.46 -4.82
N CYS C 132 4.48 -20.85 -5.92
CA CYS C 132 4.03 -19.47 -5.88
C CYS C 132 3.13 -19.22 -7.09
N GLY C 133 2.47 -18.06 -7.08
CA GLY C 133 1.68 -17.63 -8.21
C GLY C 133 0.94 -16.36 -7.86
N GLY C 134 0.13 -15.91 -8.82
CA GLY C 134 -0.61 -14.68 -8.59
C GLY C 134 -1.48 -14.26 -9.75
N LEU C 135 -1.25 -13.06 -10.28
CA LEU C 135 -2.13 -12.54 -11.30
C LEU C 135 -1.93 -13.19 -12.67
N ASP C 136 -0.91 -14.02 -12.83
CA ASP C 136 -0.71 -14.72 -14.09
C ASP C 136 -1.57 -15.97 -14.23
N ASN C 137 -2.32 -16.33 -13.18
CA ASN C 137 -3.18 -17.51 -13.14
C ASN C 137 -2.40 -18.80 -13.28
N ILE C 138 -1.10 -18.78 -12.98
CA ILE C 138 -0.23 -19.94 -13.13
C ILE C 138 0.47 -20.18 -11.80
N CYS C 139 0.48 -21.42 -11.35
CA CYS C 139 1.19 -21.83 -10.15
C CYS C 139 2.54 -22.42 -10.55
N SER C 140 3.62 -21.73 -10.18
CA SER C 140 4.98 -22.15 -10.51
C SER C 140 5.56 -22.90 -9.32
N ILE C 141 6.11 -24.08 -9.58
CA ILE C 141 6.69 -24.93 -8.56
C ILE C 141 8.19 -25.02 -8.81
N TYR C 142 8.97 -24.56 -7.84
CA TYR C 142 10.42 -24.53 -7.93
C TYR C 142 11.01 -25.67 -7.11
N ASN C 143 12.01 -26.32 -7.68
CA ASN C 143 12.73 -27.40 -7.00
C ASN C 143 13.96 -26.79 -6.34
N LEU C 144 13.99 -26.81 -5.00
CA LEU C 144 15.07 -26.19 -4.26
C LEU C 144 16.32 -27.06 -4.18
N LYS C 145 16.19 -28.37 -4.40
CA LYS C 145 17.29 -29.30 -4.24
C LYS C 145 17.54 -29.96 -5.60
N THR C 146 18.51 -29.44 -6.34
CA THR C 146 18.86 -29.93 -7.65
C THR C 146 20.33 -30.34 -7.66
N ARG C 147 20.69 -31.17 -8.64
CA ARG C 147 22.06 -31.66 -8.69
C ARG C 147 23.06 -30.56 -9.03
N GLU C 148 22.63 -29.55 -9.79
CA GLU C 148 23.49 -28.42 -10.08
C GLU C 148 23.53 -27.40 -8.94
N GLY C 149 22.59 -27.47 -8.01
CA GLY C 149 22.48 -26.49 -6.95
C GLY C 149 21.70 -25.24 -7.32
N ASN C 150 21.24 -25.13 -8.56
CA ASN C 150 20.48 -23.97 -9.00
C ASN C 150 18.99 -24.25 -8.88
N VAL C 151 18.24 -23.23 -8.49
CA VAL C 151 16.79 -23.37 -8.38
C VAL C 151 16.18 -23.22 -9.76
N ARG C 152 15.36 -24.18 -10.15
CA ARG C 152 14.75 -24.24 -11.47
C ARG C 152 13.26 -24.48 -11.33
N VAL C 153 12.51 -24.09 -12.34
CA VAL C 153 11.07 -24.34 -12.40
C VAL C 153 10.88 -25.80 -12.76
N SER C 154 10.18 -26.55 -11.92
CA SER C 154 9.88 -27.94 -12.23
C SER C 154 8.53 -28.11 -12.90
N ARG C 155 7.55 -27.29 -12.51
CA ARG C 155 6.23 -27.33 -13.11
C ARG C 155 5.63 -25.94 -13.13
N GLU C 156 4.83 -25.68 -14.16
CA GLU C 156 3.94 -24.52 -14.21
C GLU C 156 2.54 -25.06 -14.42
N LEU C 157 1.69 -24.88 -13.42
CA LEU C 157 0.33 -25.41 -13.44
C LEU C 157 -0.61 -24.32 -13.92
N ALA C 158 -1.37 -24.62 -14.96
CA ALA C 158 -2.24 -23.65 -15.59
C ALA C 158 -3.59 -24.30 -15.89
N GLY C 159 -4.64 -23.48 -15.78
CA GLY C 159 -6.00 -23.96 -15.96
C GLY C 159 -6.98 -23.06 -15.23
N HIS C 160 -6.54 -22.48 -14.12
CA HIS C 160 -7.35 -21.48 -13.44
C HIS C 160 -7.55 -20.28 -14.35
N THR C 161 -8.76 -19.73 -14.36
CA THR C 161 -9.05 -18.59 -15.20
C THR C 161 -8.89 -17.26 -14.47
N GLY C 162 -8.94 -17.26 -13.14
CA GLY C 162 -8.72 -16.06 -12.36
C GLY C 162 -7.35 -16.07 -11.70
N TYR C 163 -7.07 -14.98 -10.99
CA TYR C 163 -5.79 -14.86 -10.31
C TYR C 163 -5.66 -15.91 -9.22
N LEU C 164 -4.43 -16.36 -8.97
CA LEU C 164 -4.18 -17.40 -8.00
C LEU C 164 -3.96 -16.75 -6.63
N SER C 165 -4.82 -17.08 -5.68
CA SER C 165 -4.81 -16.40 -4.39
C SER C 165 -4.13 -17.18 -3.27
N CYS C 166 -4.03 -18.51 -3.39
CA CYS C 166 -3.47 -19.30 -2.31
C CYS C 166 -3.01 -20.64 -2.86
N CYS C 167 -1.91 -21.15 -2.31
CA CYS C 167 -1.38 -22.46 -2.64
C CYS C 167 -1.04 -23.19 -1.35
N ARG C 168 -1.38 -24.48 -1.30
CA ARG C 168 -1.02 -25.31 -0.16
C ARG C 168 -0.55 -26.66 -0.67
N PHE C 169 0.41 -27.24 0.05
CA PHE C 169 1.05 -28.49 -0.34
C PHE C 169 0.53 -29.65 0.51
N LEU C 170 0.05 -30.70 -0.17
CA LEU C 170 -0.33 -31.92 0.52
C LEU C 170 0.87 -32.86 0.63
N ASP C 171 1.61 -32.98 -0.47
CA ASP C 171 2.80 -33.82 -0.57
C ASP C 171 3.63 -33.26 -1.70
N ASP C 172 4.77 -33.88 -1.96
CA ASP C 172 5.63 -33.39 -3.03
C ASP C 172 4.95 -33.46 -4.39
N ASN C 173 4.04 -34.41 -4.57
CA ASN C 173 3.37 -34.60 -5.85
C ASN C 173 1.93 -34.07 -5.89
N GLN C 174 1.48 -33.38 -4.84
CA GLN C 174 0.12 -32.87 -4.83
C GLN C 174 0.09 -31.49 -4.20
N ILE C 175 -0.59 -30.57 -4.87
CA ILE C 175 -0.75 -29.20 -4.39
C ILE C 175 -2.21 -28.80 -4.51
N VAL C 176 -2.70 -28.06 -3.52
CA VAL C 176 -4.06 -27.54 -3.51
C VAL C 176 -3.96 -26.04 -3.73
N THR C 177 -4.71 -25.54 -4.70
CA THR C 177 -4.67 -24.12 -5.03
C THR C 177 -6.08 -23.56 -5.00
N SER C 178 -6.14 -22.23 -4.95
CA SER C 178 -7.39 -21.50 -5.04
C SER C 178 -7.16 -20.28 -5.90
N SER C 179 -8.20 -19.85 -6.60
CA SER C 179 -8.05 -18.69 -7.45
C SER C 179 -9.22 -17.76 -7.39
N GLY C 180 -9.11 -16.69 -8.16
CA GLY C 180 -10.11 -15.65 -8.26
C GLY C 180 -11.25 -15.97 -9.20
N ASP C 181 -11.32 -17.18 -9.72
CA ASP C 181 -12.44 -17.61 -10.57
C ASP C 181 -13.47 -18.42 -9.79
N THR C 182 -13.46 -18.32 -8.46
CA THR C 182 -14.39 -18.99 -7.56
C THR C 182 -14.21 -20.50 -7.54
N THR C 183 -13.04 -21.00 -7.95
CA THR C 183 -12.79 -22.44 -8.00
C THR C 183 -11.47 -22.78 -7.33
N CYS C 184 -11.48 -23.85 -6.54
CA CYS C 184 -10.31 -24.45 -5.95
C CYS C 184 -9.92 -25.65 -6.80
N ALA C 185 -8.66 -26.08 -6.66
CA ALA C 185 -8.22 -27.20 -7.47
C ALA C 185 -7.19 -28.04 -6.74
N LEU C 186 -7.21 -29.34 -7.05
CA LEU C 186 -6.20 -30.30 -6.63
C LEU C 186 -5.39 -30.68 -7.86
N TRP C 187 -4.09 -30.46 -7.79
CA TRP C 187 -3.20 -30.69 -8.93
C TRP C 187 -2.28 -31.87 -8.66
N ASP C 188 -2.06 -32.68 -9.69
CA ASP C 188 -1.03 -33.71 -9.65
C ASP C 188 0.23 -33.13 -10.28
N ILE C 189 1.23 -32.87 -9.46
CA ILE C 189 2.38 -32.08 -9.89
C ILE C 189 3.15 -32.80 -10.99
N GLU C 190 3.39 -34.10 -10.83
CA GLU C 190 4.27 -34.80 -11.79
C GLU C 190 3.67 -34.79 -13.18
N THR C 191 2.36 -34.99 -13.29
CA THR C 191 1.72 -34.97 -14.60
C THR C 191 1.36 -33.56 -15.03
N GLY C 192 1.24 -32.62 -14.09
CA GLY C 192 0.94 -31.24 -14.40
C GLY C 192 -0.51 -30.95 -14.68
N GLN C 193 -1.39 -31.95 -14.55
CA GLN C 193 -2.80 -31.81 -14.84
C GLN C 193 -3.61 -31.64 -13.55
N GLN C 194 -4.75 -30.97 -13.69
CA GLN C 194 -5.70 -30.82 -12.60
C GLN C 194 -6.53 -32.09 -12.47
N THR C 195 -6.66 -32.59 -11.24
CA THR C 195 -7.39 -33.82 -11.00
C THR C 195 -8.73 -33.62 -10.33
N THR C 196 -8.87 -32.60 -9.49
CA THR C 196 -10.13 -32.32 -8.82
C THR C 196 -10.38 -30.83 -8.87
N THR C 197 -11.62 -30.46 -9.21
CA THR C 197 -12.07 -29.08 -9.21
C THR C 197 -13.15 -28.93 -8.15
N PHE C 198 -13.02 -27.92 -7.30
CA PHE C 198 -13.97 -27.68 -6.22
C PHE C 198 -14.73 -26.39 -6.53
N THR C 199 -16.00 -26.52 -6.89
CA THR C 199 -16.83 -25.39 -7.25
C THR C 199 -17.96 -25.24 -6.24
N GLY C 200 -18.61 -24.09 -6.28
CA GLY C 200 -19.70 -23.82 -5.37
C GLY C 200 -19.63 -22.46 -4.71
N HIS C 201 -18.47 -21.82 -4.73
CA HIS C 201 -18.38 -20.44 -4.30
C HIS C 201 -18.87 -19.52 -5.40
N THR C 202 -19.35 -18.34 -5.01
CA THR C 202 -19.79 -17.34 -5.97
C THR C 202 -18.86 -16.15 -6.10
N GLY C 203 -18.00 -15.92 -5.10
CA GLY C 203 -16.98 -14.89 -5.16
C GLY C 203 -15.59 -15.50 -5.29
N ASP C 204 -14.60 -14.61 -5.37
CA ASP C 204 -13.22 -15.05 -5.45
C ASP C 204 -12.86 -15.84 -4.20
N VAL C 205 -12.05 -16.87 -4.35
CA VAL C 205 -11.54 -17.62 -3.21
C VAL C 205 -10.23 -16.98 -2.76
N MET C 206 -10.17 -16.61 -1.48
CA MET C 206 -9.03 -15.85 -0.98
C MET C 206 -7.99 -16.67 -0.24
N SER C 207 -8.38 -17.70 0.50
CA SER C 207 -7.41 -18.42 1.31
C SER C 207 -7.84 -19.86 1.56
N LEU C 208 -6.85 -20.74 1.58
CA LEU C 208 -7.02 -22.17 1.85
C LEU C 208 -6.36 -22.53 3.18
N SER C 209 -6.88 -23.58 3.81
CA SER C 209 -6.25 -24.15 4.99
C SER C 209 -6.45 -25.66 4.94
N LEU C 210 -5.38 -26.41 5.18
CA LEU C 210 -5.42 -27.86 5.15
C LEU C 210 -5.53 -28.43 6.55
N ALA C 211 -6.25 -29.54 6.66
CA ALA C 211 -6.37 -30.22 7.94
C ALA C 211 -5.04 -30.83 8.34
N PRO C 212 -4.79 -30.98 9.65
CA PRO C 212 -3.58 -31.68 10.10
C PRO C 212 -3.37 -33.05 9.46
N ASP C 213 -4.45 -33.75 9.13
CA ASP C 213 -4.36 -35.06 8.48
C ASP C 213 -4.49 -34.98 6.97
N THR C 214 -4.53 -33.76 6.42
CA THR C 214 -4.66 -33.48 4.99
C THR C 214 -5.62 -34.43 4.27
N ARG C 215 -6.78 -34.66 4.88
CA ARG C 215 -7.89 -35.28 4.16
C ARG C 215 -8.98 -34.28 3.80
N LEU C 216 -9.10 -33.21 4.58
CA LEU C 216 -10.07 -32.16 4.35
C LEU C 216 -9.35 -30.82 4.28
N PHE C 217 -9.96 -29.86 3.61
CA PHE C 217 -9.49 -28.50 3.67
C PHE C 217 -10.69 -27.57 3.66
N VAL C 218 -10.46 -26.34 4.08
CA VAL C 218 -11.52 -25.34 4.19
C VAL C 218 -11.13 -24.15 3.33
N SER C 219 -12.10 -23.59 2.64
CA SER C 219 -11.87 -22.52 1.68
C SER C 219 -12.75 -21.32 2.01
N GLY C 220 -12.12 -20.17 2.22
CA GLY C 220 -12.84 -18.92 2.44
C GLY C 220 -12.88 -18.17 1.12
N ALA C 221 -13.95 -17.41 0.92
CA ALA C 221 -14.15 -16.72 -0.34
C ALA C 221 -14.76 -15.35 -0.12
N CYS C 222 -14.78 -14.55 -1.19
CA CYS C 222 -15.36 -13.23 -1.17
C CYS C 222 -16.87 -13.32 -1.26
N ASP C 223 -17.48 -14.11 -0.37
CA ASP C 223 -18.92 -14.23 -0.30
C ASP C 223 -19.45 -14.15 1.12
N ALA C 224 -18.59 -13.93 2.11
CA ALA C 224 -18.94 -14.05 3.52
C ALA C 224 -19.33 -15.48 3.86
N SER C 225 -18.57 -16.43 3.34
CA SER C 225 -18.85 -17.84 3.59
C SER C 225 -17.55 -18.64 3.51
N ALA C 226 -17.63 -19.87 4.02
CA ALA C 226 -16.51 -20.80 3.99
C ALA C 226 -17.08 -22.18 3.73
N LYS C 227 -16.29 -23.02 3.06
CA LYS C 227 -16.71 -24.36 2.71
C LYS C 227 -15.69 -25.38 3.18
N LEU C 228 -16.19 -26.50 3.70
CA LEU C 228 -15.37 -27.64 4.09
C LEU C 228 -15.38 -28.66 2.95
N TRP C 229 -14.21 -28.87 2.34
CA TRP C 229 -14.08 -29.70 1.16
C TRP C 229 -13.44 -31.02 1.54
N ASP C 230 -13.93 -32.11 0.95
CA ASP C 230 -13.31 -33.41 1.11
C ASP C 230 -12.34 -33.61 -0.06
N VAL C 231 -11.05 -33.69 0.25
CA VAL C 231 -10.03 -33.72 -0.80
C VAL C 231 -10.19 -34.92 -1.73
N ARG C 232 -10.58 -36.08 -1.20
CA ARG C 232 -10.54 -37.28 -2.03
C ARG C 232 -11.76 -37.40 -2.95
N GLU C 233 -12.94 -36.96 -2.49
CA GLU C 233 -14.17 -37.10 -3.27
C GLU C 233 -14.42 -35.92 -4.20
N GLY C 234 -13.98 -34.72 -3.82
CA GLY C 234 -14.31 -33.52 -4.56
C GLY C 234 -15.62 -32.87 -4.15
N MET C 235 -16.26 -33.37 -3.10
CA MET C 235 -17.54 -32.86 -2.64
C MET C 235 -17.33 -31.83 -1.54
N CYS C 236 -18.24 -30.85 -1.50
CA CYS C 236 -18.33 -29.89 -0.43
C CYS C 236 -19.18 -30.46 0.69
N ARG C 237 -18.58 -30.59 1.88
CA ARG C 237 -19.23 -31.24 3.01
C ARG C 237 -20.08 -30.27 3.81
N GLN C 238 -19.58 -29.06 4.04
CA GLN C 238 -20.30 -28.08 4.83
C GLN C 238 -20.10 -26.70 4.22
N THR C 239 -21.08 -25.83 4.42
CA THR C 239 -20.98 -24.42 4.08
C THR C 239 -21.22 -23.62 5.35
N PHE C 240 -20.29 -22.72 5.67
CA PHE C 240 -20.38 -21.90 6.86
C PHE C 240 -20.57 -20.44 6.49
N THR C 241 -21.50 -19.79 7.17
CA THR C 241 -21.78 -18.37 6.98
C THR C 241 -21.77 -17.68 8.34
N GLY C 242 -21.79 -16.36 8.30
CA GLY C 242 -21.80 -15.58 9.52
C GLY C 242 -21.08 -14.26 9.35
N HIS C 243 -20.08 -14.23 8.46
CA HIS C 243 -19.40 -12.98 8.17
C HIS C 243 -20.29 -12.09 7.33
N GLU C 244 -20.05 -10.78 7.43
CA GLU C 244 -20.83 -9.82 6.66
C GLU C 244 -20.21 -9.42 5.33
N SER C 245 -18.91 -9.61 5.15
CA SER C 245 -18.26 -9.19 3.91
C SER C 245 -17.27 -10.27 3.48
N ASP C 246 -16.36 -9.88 2.58
CA ASP C 246 -15.42 -10.82 1.99
C ASP C 246 -14.49 -11.40 3.05
N ILE C 247 -14.21 -12.70 2.95
CA ILE C 247 -13.31 -13.38 3.86
C ILE C 247 -11.91 -13.37 3.26
N ASN C 248 -10.94 -12.94 4.05
CA ASN C 248 -9.57 -12.77 3.57
C ASN C 248 -8.61 -13.83 4.08
N ALA C 249 -8.84 -14.39 5.26
CA ALA C 249 -7.93 -15.37 5.82
C ALA C 249 -8.70 -16.47 6.51
N ILE C 250 -8.13 -17.67 6.49
CA ILE C 250 -8.73 -18.83 7.13
C ILE C 250 -7.62 -19.73 7.64
N CYS C 251 -7.88 -20.41 8.76
CA CYS C 251 -6.85 -21.22 9.40
C CYS C 251 -7.49 -22.32 10.23
N PHE C 252 -7.09 -23.56 9.98
CA PHE C 252 -7.59 -24.69 10.75
C PHE C 252 -7.09 -24.67 12.18
N PHE C 253 -7.94 -25.12 13.10
CA PHE C 253 -7.54 -25.25 14.49
C PHE C 253 -6.59 -26.42 14.64
N PRO C 254 -5.65 -26.37 15.58
CA PRO C 254 -4.70 -27.49 15.74
C PRO C 254 -5.37 -28.84 15.91
N ASN C 255 -6.50 -28.90 16.63
CA ASN C 255 -7.23 -30.15 16.78
C ASN C 255 -7.73 -30.67 15.44
N GLY C 256 -8.28 -29.80 14.60
CA GLY C 256 -8.80 -30.18 13.31
C GLY C 256 -10.32 -30.23 13.25
N ASN C 257 -11.01 -29.85 14.33
CA ASN C 257 -12.45 -29.86 14.37
C ASN C 257 -13.03 -28.44 14.38
N ALA C 258 -12.23 -27.45 13.99
CA ALA C 258 -12.66 -26.06 13.99
C ALA C 258 -11.69 -25.25 13.14
N PHE C 259 -12.15 -24.09 12.70
CA PHE C 259 -11.30 -23.17 11.96
C PHE C 259 -11.69 -21.74 12.31
N ALA C 260 -10.74 -20.83 12.11
CA ALA C 260 -10.97 -19.40 12.32
C ALA C 260 -10.88 -18.67 10.98
N THR C 261 -11.77 -17.70 10.80
CA THR C 261 -11.82 -16.91 9.58
C THR C 261 -11.75 -15.43 9.91
N GLY C 262 -11.21 -14.66 8.98
CA GLY C 262 -11.19 -13.22 9.11
C GLY C 262 -11.76 -12.61 7.84
N SER C 263 -12.42 -11.47 8.01
CA SER C 263 -13.12 -10.86 6.88
C SER C 263 -12.89 -9.36 6.87
N ASP C 264 -13.47 -8.71 5.86
CA ASP C 264 -13.38 -7.27 5.69
C ASP C 264 -14.28 -6.48 6.63
N ASP C 265 -15.16 -7.15 7.38
CA ASP C 265 -16.03 -6.47 8.33
C ASP C 265 -15.37 -6.24 9.68
N ALA C 266 -14.06 -6.48 9.79
CA ALA C 266 -13.27 -6.28 11.00
C ALA C 266 -13.60 -7.29 12.08
N THR C 267 -14.25 -8.39 11.71
CA THR C 267 -14.58 -9.45 12.64
C THR C 267 -13.83 -10.73 12.29
N CYS C 268 -13.44 -11.46 13.32
CA CYS C 268 -12.91 -12.81 13.20
C CYS C 268 -13.90 -13.76 13.85
N ARG C 269 -14.10 -14.92 13.24
CA ARG C 269 -15.06 -15.89 13.77
C ARG C 269 -14.46 -17.28 13.82
N LEU C 270 -14.78 -18.01 14.88
CA LEU C 270 -14.40 -19.40 15.05
C LEU C 270 -15.58 -20.29 14.73
N PHE C 271 -15.38 -21.24 13.81
CA PHE C 271 -16.43 -22.15 13.40
C PHE C 271 -16.04 -23.57 13.77
N ASP C 272 -17.03 -24.38 14.15
CA ASP C 272 -16.82 -25.76 14.55
C ASP C 272 -17.38 -26.66 13.46
N LEU C 273 -16.51 -27.51 12.90
CA LEU C 273 -16.90 -28.39 11.81
C LEU C 273 -17.90 -29.47 12.22
N ARG C 274 -18.01 -29.76 13.51
CA ARG C 274 -18.92 -30.81 13.94
C ARG C 274 -20.30 -30.29 14.28
N ALA C 275 -20.43 -29.02 14.65
CA ALA C 275 -21.74 -28.43 14.91
C ALA C 275 -22.24 -27.56 13.76
N ASP C 276 -21.42 -27.39 12.71
CA ASP C 276 -21.79 -26.62 11.53
C ASP C 276 -22.35 -25.23 11.88
N GLN C 277 -21.73 -24.57 12.85
CA GLN C 277 -22.22 -23.28 13.32
C GLN C 277 -21.07 -22.35 13.66
N GLU C 278 -21.37 -21.05 13.64
CA GLU C 278 -20.46 -20.08 14.21
C GLU C 278 -20.38 -20.31 15.72
N LEU C 279 -19.18 -20.35 16.25
CA LEU C 279 -18.99 -20.63 17.67
C LEU C 279 -18.58 -19.42 18.49
N MET C 280 -17.71 -18.57 17.96
CA MET C 280 -17.26 -17.39 18.70
C MET C 280 -16.90 -16.29 17.72
N THR C 281 -17.15 -15.06 18.15
CA THR C 281 -16.86 -13.85 17.38
C THR C 281 -15.77 -13.05 18.08
N TYR C 282 -14.74 -12.67 17.33
CA TYR C 282 -13.64 -11.87 17.85
C TYR C 282 -13.70 -10.51 17.18
N SER C 283 -14.04 -9.48 17.95
CA SER C 283 -14.19 -8.15 17.40
C SER C 283 -13.94 -7.14 18.52
N HIS C 284 -13.79 -5.88 18.12
CA HIS C 284 -13.56 -4.80 19.06
C HIS C 284 -14.07 -3.51 18.45
N ASP C 285 -14.57 -2.63 19.32
CA ASP C 285 -15.15 -1.36 18.85
C ASP C 285 -14.13 -0.52 18.11
N ASN C 286 -12.85 -0.64 18.45
CA ASN C 286 -11.81 0.21 17.87
C ASN C 286 -11.19 -0.39 16.62
N ILE C 287 -11.71 -1.51 16.12
CA ILE C 287 -11.21 -2.15 14.92
C ILE C 287 -12.26 -1.97 13.83
N ILE C 288 -11.94 -1.20 12.80
CA ILE C 288 -12.84 -0.99 11.69
C ILE C 288 -12.12 -1.35 10.39
N CYS C 289 -11.00 -2.05 10.51
CA CYS C 289 -10.19 -2.50 9.40
C CYS C 289 -10.34 -4.00 9.21
N GLY C 290 -10.06 -4.46 8.00
CA GLY C 290 -10.16 -5.87 7.71
C GLY C 290 -9.01 -6.69 8.29
N ILE C 291 -9.17 -8.01 8.20
CA ILE C 291 -8.23 -8.96 8.77
C ILE C 291 -7.53 -9.65 7.60
N THR C 292 -6.29 -9.25 7.33
CA THR C 292 -5.56 -9.82 6.20
C THR C 292 -5.16 -11.27 6.44
N SER C 293 -4.78 -11.62 7.66
CA SER C 293 -4.27 -12.97 7.90
C SER C 293 -4.67 -13.45 9.28
N VAL C 294 -4.83 -14.77 9.40
CA VAL C 294 -5.23 -15.44 10.64
C VAL C 294 -4.34 -16.66 10.83
N SER C 295 -3.92 -16.90 12.08
CA SER C 295 -3.20 -18.12 12.39
C SER C 295 -3.38 -18.47 13.86
N PHE C 296 -3.24 -19.75 14.17
CA PHE C 296 -3.30 -20.26 15.53
C PHE C 296 -1.92 -20.65 16.04
N SER C 297 -1.76 -20.59 17.35
CA SER C 297 -0.57 -21.12 18.00
C SER C 297 -0.67 -22.63 18.10
N LYS C 298 0.44 -23.26 18.50
CA LYS C 298 0.49 -24.72 18.57
C LYS C 298 -0.63 -25.31 19.41
N SER C 299 -0.89 -24.73 20.58
CA SER C 299 -1.91 -25.29 21.46
C SER C 299 -3.32 -24.90 21.07
N GLY C 300 -3.49 -23.93 20.17
CA GLY C 300 -4.81 -23.45 19.82
C GLY C 300 -5.42 -22.47 20.80
N ARG C 301 -4.70 -22.10 21.86
CA ARG C 301 -5.25 -21.18 22.84
C ARG C 301 -5.17 -19.74 22.36
N LEU C 302 -4.18 -19.41 21.57
CA LEU C 302 -4.01 -18.05 21.07
C LEU C 302 -4.37 -18.01 19.60
N LEU C 303 -5.08 -16.95 19.22
CA LEU C 303 -5.42 -16.69 17.83
C LEU C 303 -4.76 -15.38 17.43
N LEU C 304 -3.99 -15.41 16.35
CA LEU C 304 -3.26 -14.24 15.88
C LEU C 304 -3.85 -13.80 14.57
N ALA C 305 -4.07 -12.50 14.43
CA ALA C 305 -4.64 -11.96 13.20
C ALA C 305 -3.96 -10.66 12.82
N GLY C 306 -3.67 -10.52 11.52
CA GLY C 306 -3.09 -9.30 11.00
C GLY C 306 -4.20 -8.42 10.46
N TYR C 307 -4.07 -7.12 10.67
CA TYR C 307 -5.09 -6.17 10.28
C TYR C 307 -4.53 -5.16 9.29
N ASP C 308 -5.39 -4.19 8.92
CA ASP C 308 -5.02 -3.10 8.04
C ASP C 308 -4.56 -1.86 8.80
N ASP C 309 -4.46 -1.94 10.12
CA ASP C 309 -3.94 -0.86 10.94
C ASP C 309 -2.44 -0.99 11.18
N PHE C 310 -1.78 -1.86 10.40
CA PHE C 310 -0.34 -2.07 10.46
C PHE C 310 0.07 -2.69 11.79
N ASN C 311 -0.72 -3.64 12.27
CA ASN C 311 -0.39 -4.33 13.52
C ASN C 311 -1.06 -5.70 13.51
N CYS C 312 -0.86 -6.43 14.61
CA CYS C 312 -1.41 -7.75 14.80
C CYS C 312 -1.96 -7.84 16.22
N ASN C 313 -3.17 -8.37 16.36
CA ASN C 313 -3.78 -8.58 17.66
C ASN C 313 -3.75 -10.06 18.01
N VAL C 314 -3.44 -10.36 19.26
CA VAL C 314 -3.44 -11.72 19.78
C VAL C 314 -4.68 -11.90 20.64
N TRP C 315 -5.56 -12.81 20.22
CA TRP C 315 -6.84 -13.02 20.85
C TRP C 315 -6.81 -14.32 21.65
N ASP C 316 -7.57 -14.34 22.74
CA ASP C 316 -7.78 -15.55 23.51
C ASP C 316 -8.87 -16.33 22.79
N ALA C 317 -8.51 -17.43 22.13
CA ALA C 317 -9.45 -18.12 21.26
C ALA C 317 -10.63 -18.70 22.01
N LEU C 318 -10.51 -18.91 23.33
CA LEU C 318 -11.60 -19.50 24.09
C LEU C 318 -12.42 -18.45 24.83
N LYS C 319 -11.98 -17.20 24.86
CA LYS C 319 -12.65 -16.14 25.60
C LYS C 319 -13.01 -14.93 24.75
N ALA C 320 -12.37 -14.74 23.60
CA ALA C 320 -12.55 -13.57 22.73
C ALA C 320 -12.10 -12.27 23.38
N ASP C 321 -11.17 -12.35 24.32
CA ASP C 321 -10.49 -11.16 24.83
C ASP C 321 -9.17 -10.96 24.10
N ARG C 322 -8.71 -9.72 24.07
CA ARG C 322 -7.41 -9.44 23.48
C ARG C 322 -6.31 -9.73 24.50
N ALA C 323 -5.34 -10.52 24.08
CA ALA C 323 -4.19 -10.88 24.92
C ALA C 323 -3.00 -9.95 24.74
N GLY C 324 -2.85 -9.38 23.56
CA GLY C 324 -1.70 -8.52 23.30
C GLY C 324 -1.72 -8.06 21.86
N VAL C 325 -0.71 -7.26 21.52
CA VAL C 325 -0.59 -6.71 20.18
C VAL C 325 0.83 -6.96 19.68
N LEU C 326 1.00 -6.88 18.36
CA LEU C 326 2.30 -6.98 17.70
C LEU C 326 2.42 -5.76 16.79
N ALA C 327 3.20 -4.79 17.24
CA ALA C 327 3.41 -3.52 16.56
C ALA C 327 4.85 -3.44 16.08
N GLY C 328 5.04 -2.95 14.86
CA GLY C 328 6.37 -2.89 14.30
C GLY C 328 6.40 -2.88 12.79
N HIS C 329 5.25 -2.62 12.17
CA HIS C 329 5.14 -2.52 10.73
C HIS C 329 4.57 -1.14 10.40
N ASP C 330 4.96 -0.60 9.25
CA ASP C 330 4.55 0.74 8.87
C ASP C 330 3.61 0.75 7.67
N ASN C 331 3.18 -0.42 7.20
CA ASN C 331 2.22 -0.54 6.12
C ASN C 331 1.35 -1.74 6.40
N ARG C 332 0.41 -2.01 5.50
CA ARG C 332 -0.55 -3.10 5.70
C ARG C 332 0.17 -4.40 5.97
N VAL C 333 -0.26 -5.11 7.02
CA VAL C 333 0.31 -6.40 7.39
C VAL C 333 -0.41 -7.55 6.68
N SER C 334 0.02 -7.83 5.47
CA SER C 334 -0.55 -8.86 4.59
C SER C 334 -0.52 -10.33 4.96
N CYS C 335 0.59 -10.83 5.50
CA CYS C 335 0.68 -12.24 5.84
C CYS C 335 1.11 -12.48 7.27
N LEU C 336 0.90 -13.70 7.74
CA LEU C 336 1.22 -14.04 9.12
C LEU C 336 1.30 -15.55 9.22
N GLY C 337 2.23 -16.05 10.04
CA GLY C 337 2.31 -17.48 10.25
C GLY C 337 3.00 -17.84 11.55
N VAL C 338 2.79 -19.08 11.96
CA VAL C 338 3.33 -19.62 13.19
C VAL C 338 4.06 -20.92 12.88
N THR C 339 5.16 -21.16 13.55
CA THR C 339 5.94 -22.37 13.31
C THR C 339 5.20 -23.61 13.81
N ASP C 340 5.50 -24.75 13.20
CA ASP C 340 4.88 -26.00 13.61
C ASP C 340 5.17 -26.32 15.08
N ASP C 341 6.44 -26.16 15.50
CA ASP C 341 6.74 -26.37 16.92
C ASP C 341 6.11 -25.29 17.78
N GLY C 342 6.11 -24.05 17.32
CA GLY C 342 5.48 -22.96 18.06
C GLY C 342 6.43 -21.94 18.64
N MET C 343 7.71 -21.99 18.32
CA MET C 343 8.67 -21.10 18.97
C MET C 343 8.54 -19.66 18.51
N ALA C 344 7.99 -19.39 17.33
CA ALA C 344 7.98 -18.02 16.86
C ALA C 344 6.81 -17.75 15.93
N VAL C 345 6.47 -16.47 15.83
CA VAL C 345 5.46 -15.95 14.91
C VAL C 345 6.18 -15.07 13.91
N ALA C 346 5.89 -15.25 12.64
CA ALA C 346 6.47 -14.42 11.60
C ALA C 346 5.35 -13.62 10.93
N THR C 347 5.64 -12.37 10.60
CA THR C 347 4.70 -11.53 9.87
C THR C 347 5.44 -10.83 8.75
N GLY C 348 4.69 -10.41 7.76
CA GLY C 348 5.22 -9.59 6.70
C GLY C 348 4.18 -8.56 6.33
N SER C 349 4.65 -7.40 5.89
CA SER C 349 3.78 -6.29 5.56
C SER C 349 4.14 -5.69 4.23
N TRP C 350 3.47 -4.60 3.91
CA TRP C 350 3.73 -3.89 2.66
C TRP C 350 4.94 -2.96 2.72
N ASP C 351 5.69 -2.94 3.83
CA ASP C 351 6.91 -2.16 3.90
C ASP C 351 8.14 -2.99 3.57
N SER C 352 7.95 -4.20 3.02
CA SER C 352 9.00 -5.09 2.56
C SER C 352 9.88 -5.62 3.69
N PHE C 353 9.36 -5.73 4.91
CA PHE C 353 10.11 -6.28 6.03
C PHE C 353 9.35 -7.44 6.66
N LEU C 354 10.08 -8.52 6.91
CA LEU C 354 9.56 -9.69 7.60
C LEU C 354 10.12 -9.69 9.02
N LYS C 355 9.25 -9.67 10.02
CA LYS C 355 9.71 -9.62 11.39
C LYS C 355 9.25 -10.89 12.10
N ILE C 356 10.09 -11.38 13.01
CA ILE C 356 9.83 -12.58 13.77
C ILE C 356 9.70 -12.25 15.25
N TRP C 357 8.62 -12.69 15.87
CA TRP C 357 8.35 -12.46 17.27
C TRP C 357 8.47 -13.78 18.02
N ASN C 358 8.58 -13.68 19.34
CA ASN C 358 8.73 -14.87 20.16
C ASN C 358 8.39 -14.53 21.61
N THR D 6 -36.05 -19.06 -18.17
CA THR D 6 -35.88 -19.81 -16.93
C THR D 6 -34.72 -20.79 -17.04
N ALA D 7 -33.71 -20.43 -17.84
CA ALA D 7 -32.52 -21.25 -17.97
C ALA D 7 -31.78 -21.42 -16.65
N SER D 8 -31.83 -20.42 -15.77
CA SER D 8 -31.06 -20.44 -14.52
C SER D 8 -31.43 -21.60 -13.61
N ILE D 9 -32.50 -22.34 -13.91
CA ILE D 9 -32.81 -23.51 -13.12
C ILE D 9 -31.66 -24.50 -13.14
N ALA D 10 -30.83 -24.49 -14.19
CA ALA D 10 -29.70 -25.40 -14.25
C ALA D 10 -28.77 -25.21 -13.05
N GLN D 11 -28.61 -23.95 -12.61
CA GLN D 11 -27.84 -23.64 -11.42
C GLN D 11 -28.65 -23.81 -10.15
N ALA D 12 -29.93 -23.40 -10.20
CA ALA D 12 -30.75 -23.47 -8.99
C ALA D 12 -30.89 -24.92 -8.52
N ARG D 13 -31.03 -25.85 -9.46
CA ARG D 13 -31.15 -27.26 -9.09
C ARG D 13 -29.90 -27.72 -8.36
N LYS D 14 -28.72 -27.31 -8.85
CA LYS D 14 -27.47 -27.68 -8.20
C LYS D 14 -27.46 -27.14 -6.78
N LEU D 15 -27.90 -25.88 -6.61
CA LEU D 15 -27.95 -25.30 -5.27
C LEU D 15 -28.85 -26.12 -4.37
N VAL D 16 -30.02 -26.52 -4.89
CA VAL D 16 -30.97 -27.29 -4.10
C VAL D 16 -30.31 -28.60 -3.66
N GLU D 17 -29.62 -29.26 -4.58
CA GLU D 17 -28.99 -30.53 -4.25
C GLU D 17 -27.95 -30.35 -3.16
N GLN D 18 -27.13 -29.30 -3.28
CA GLN D 18 -26.11 -29.08 -2.27
C GLN D 18 -26.75 -28.80 -0.92
N LEU D 19 -27.85 -28.04 -0.92
CA LEU D 19 -28.50 -27.71 0.33
C LEU D 19 -29.06 -28.98 0.97
N LYS D 20 -29.61 -29.87 0.15
CA LYS D 20 -30.11 -31.13 0.69
C LYS D 20 -28.97 -31.93 1.32
N MET D 21 -27.83 -31.97 0.63
CA MET D 21 -26.69 -32.73 1.14
C MET D 21 -26.18 -32.13 2.45
N GLU D 22 -26.28 -30.81 2.60
CA GLU D 22 -25.86 -30.16 3.83
C GLU D 22 -26.88 -30.32 4.95
N ALA D 23 -28.16 -30.47 4.60
CA ALA D 23 -29.19 -30.63 5.62
C ALA D 23 -29.03 -31.93 6.39
N ASN D 24 -28.64 -33.00 5.69
CA ASN D 24 -28.55 -34.33 6.30
C ASN D 24 -27.17 -34.57 6.92
N ILE D 25 -26.87 -33.77 7.94
CA ILE D 25 -25.64 -33.88 8.71
C ILE D 25 -26.02 -34.05 10.17
N ASP D 26 -25.44 -35.06 10.83
CA ASP D 26 -25.74 -35.35 12.22
C ASP D 26 -24.89 -34.44 13.10
N ARG D 27 -25.36 -33.20 13.24
CA ARG D 27 -24.61 -32.19 13.98
C ARG D 27 -24.56 -32.52 15.45
N ILE D 28 -23.38 -32.35 16.04
CA ILE D 28 -23.19 -32.57 17.48
C ILE D 28 -23.63 -31.31 18.24
N LYS D 29 -24.01 -31.51 19.50
CA LYS D 29 -24.38 -30.39 20.34
C LYS D 29 -23.19 -29.45 20.54
N VAL D 30 -23.47 -28.15 20.54
CA VAL D 30 -22.42 -27.14 20.57
C VAL D 30 -21.60 -27.25 21.86
N SER D 31 -22.27 -27.48 22.99
CA SER D 31 -21.55 -27.47 24.26
C SER D 31 -20.50 -28.57 24.31
N LYS D 32 -20.75 -29.70 23.64
CA LYS D 32 -19.77 -30.78 23.61
C LYS D 32 -18.55 -30.37 22.81
N ALA D 33 -18.75 -29.76 21.65
CA ALA D 33 -17.61 -29.32 20.84
C ALA D 33 -16.81 -28.23 21.55
N ALA D 34 -17.52 -27.33 22.24
CA ALA D 34 -16.82 -26.30 23.00
C ALA D 34 -16.01 -26.91 24.14
N ALA D 35 -16.59 -27.89 24.84
CA ALA D 35 -15.85 -28.59 25.88
C ALA D 35 -14.64 -29.30 25.31
N ASP D 36 -14.78 -29.84 24.10
CA ASP D 36 -13.67 -30.55 23.47
C ASP D 36 -12.55 -29.59 23.11
N LEU D 37 -12.87 -28.40 22.62
CA LEU D 37 -11.83 -27.42 22.32
C LEU D 37 -11.17 -26.93 23.60
N MET D 38 -11.95 -26.72 24.66
CA MET D 38 -11.37 -26.30 25.93
C MET D 38 -10.43 -27.37 26.48
N ALA D 39 -10.86 -28.64 26.43
CA ALA D 39 -10.02 -29.73 26.91
C ALA D 39 -8.75 -29.86 26.07
N TYR D 40 -8.87 -29.71 24.75
CA TYR D 40 -7.68 -29.77 23.90
C TYR D 40 -6.70 -28.67 24.28
N CYS D 41 -7.20 -27.43 24.41
CA CYS D 41 -6.31 -26.33 24.78
C CYS D 41 -5.65 -26.57 26.13
N GLU D 42 -6.40 -27.16 27.07
CA GLU D 42 -5.82 -27.44 28.38
C GLU D 42 -4.73 -28.51 28.29
N ALA D 43 -4.96 -29.53 27.46
CA ALA D 43 -4.01 -30.64 27.37
C ALA D 43 -2.65 -30.16 26.86
N HIS D 44 -2.64 -29.19 25.95
CA HIS D 44 -1.42 -28.72 25.32
C HIS D 44 -1.01 -27.34 25.80
N ALA D 45 -1.60 -26.84 26.89
CA ALA D 45 -1.32 -25.48 27.33
C ALA D 45 0.14 -25.31 27.74
N LYS D 46 0.69 -26.29 28.45
CA LYS D 46 2.06 -26.18 28.93
C LYS D 46 3.09 -26.35 27.84
N GLU D 47 2.70 -26.86 26.68
CA GLU D 47 3.61 -27.15 25.58
C GLU D 47 3.69 -26.01 24.58
N ASP D 48 2.97 -24.92 24.80
CA ASP D 48 2.84 -23.86 23.81
C ASP D 48 3.91 -22.82 24.06
N PRO D 49 4.92 -22.69 23.20
CA PRO D 49 5.98 -21.70 23.46
C PRO D 49 5.50 -20.26 23.43
N LEU D 50 4.35 -19.98 22.83
CA LEU D 50 3.84 -18.63 22.75
C LEU D 50 2.94 -18.27 23.92
N LEU D 51 2.58 -19.26 24.73
CA LEU D 51 1.79 -19.05 25.95
C LEU D 51 2.60 -19.28 27.21
N THR D 52 3.48 -20.28 27.21
CA THR D 52 4.42 -20.57 28.28
C THR D 52 5.69 -19.76 28.09
N PRO D 53 6.20 -19.09 29.12
CA PRO D 53 7.46 -18.32 29.01
C PRO D 53 8.72 -19.17 29.00
N VAL D 54 9.01 -19.76 27.84
CA VAL D 54 10.15 -20.66 27.69
C VAL D 54 11.44 -19.89 27.98
N PRO D 55 12.35 -20.42 28.82
CA PRO D 55 13.56 -19.67 29.17
C PRO D 55 14.35 -19.26 27.93
N ALA D 56 15.03 -18.10 28.05
CA ALA D 56 15.82 -17.60 26.94
C ALA D 56 16.90 -18.58 26.52
N SER D 57 17.40 -19.39 27.45
CA SER D 57 18.46 -20.33 27.13
C SER D 57 17.99 -21.45 26.21
N GLU D 58 16.68 -21.64 26.10
CA GLU D 58 16.08 -22.61 25.19
C GLU D 58 15.57 -21.98 23.91
N ASN D 59 15.24 -20.70 23.97
CA ASN D 59 14.68 -19.94 22.86
C ASN D 59 15.75 -19.78 21.80
N PRO D 60 15.64 -20.44 20.65
CA PRO D 60 16.75 -20.40 19.67
C PRO D 60 16.87 -19.08 18.94
N PHE D 61 15.92 -18.17 19.10
CA PHE D 61 15.99 -16.89 18.42
C PHE D 61 16.77 -15.86 19.21
N ARG D 62 17.19 -16.19 20.42
CA ARG D 62 17.93 -15.29 21.29
C ARG D 62 18.62 -16.05 22.42
N GLN E 1 -24.76 -15.31 7.24
CA GLN E 1 -25.47 -15.23 5.97
C GLN E 1 -26.17 -13.89 5.82
N VAL E 2 -26.04 -13.28 4.65
CA VAL E 2 -26.61 -11.96 4.40
C VAL E 2 -27.62 -12.10 3.25
N GLN E 3 -28.74 -11.39 3.37
CA GLN E 3 -29.78 -11.46 2.35
C GLN E 3 -30.33 -10.08 2.05
N LEU E 4 -30.72 -9.90 0.80
CA LEU E 4 -31.41 -8.70 0.35
C LEU E 4 -32.65 -9.16 -0.43
N GLN E 5 -33.83 -8.72 -0.01
CA GLN E 5 -35.07 -9.14 -0.66
C GLN E 5 -35.84 -7.90 -1.09
N GLU E 6 -35.96 -7.71 -2.39
CA GLU E 6 -36.70 -6.58 -2.95
C GLU E 6 -38.20 -6.85 -2.90
N SER E 7 -38.98 -5.77 -2.91
CA SER E 7 -40.43 -5.88 -2.95
C SER E 7 -40.99 -4.61 -3.59
N GLY E 8 -42.31 -4.57 -3.73
CA GLY E 8 -42.98 -3.41 -4.29
C GLY E 8 -42.96 -3.29 -5.79
N GLY E 9 -42.78 -4.38 -6.52
CA GLY E 9 -42.76 -4.33 -7.97
C GLY E 9 -44.16 -4.38 -8.54
N GLY E 10 -44.23 -4.66 -9.83
CA GLY E 10 -45.50 -4.79 -10.52
C GLY E 10 -45.45 -4.14 -11.88
N LEU E 11 -46.63 -3.99 -12.48
CA LEU E 11 -46.78 -3.42 -13.82
C LEU E 11 -47.61 -2.15 -13.71
N VAL E 12 -47.14 -1.09 -14.37
CA VAL E 12 -47.85 0.20 -14.39
C VAL E 12 -47.81 0.75 -15.81
N GLN E 13 -48.73 1.67 -16.08
CA GLN E 13 -48.77 2.35 -17.37
C GLN E 13 -47.78 3.50 -17.36
N PRO E 14 -47.33 3.93 -18.55
CA PRO E 14 -46.38 5.05 -18.60
C PRO E 14 -46.96 6.27 -17.88
N GLY E 15 -46.13 6.91 -17.08
CA GLY E 15 -46.55 8.03 -16.26
C GLY E 15 -46.93 7.65 -14.85
N GLY E 16 -47.02 6.35 -14.54
CA GLY E 16 -47.39 5.90 -13.23
C GLY E 16 -46.21 5.90 -12.27
N SER E 17 -46.41 5.27 -11.11
CA SER E 17 -45.37 5.26 -10.11
C SER E 17 -45.41 3.97 -9.29
N LEU E 18 -44.25 3.60 -8.76
CA LEU E 18 -44.10 2.48 -7.85
C LEU E 18 -43.22 2.90 -6.68
N ARG E 19 -43.34 2.19 -5.58
CA ARG E 19 -42.41 2.29 -4.46
C ARG E 19 -41.76 0.94 -4.25
N LEU E 20 -40.45 0.86 -4.49
CA LEU E 20 -39.74 -0.39 -4.30
C LEU E 20 -39.12 -0.39 -2.91
N SER E 21 -38.95 -1.58 -2.35
CA SER E 21 -38.35 -1.74 -1.04
C SER E 21 -37.26 -2.80 -1.09
N CYS E 22 -36.56 -2.94 0.02
CA CYS E 22 -35.45 -3.87 0.14
C CYS E 22 -35.23 -4.15 1.62
N ALA E 23 -35.39 -5.41 2.01
CA ALA E 23 -35.17 -5.84 3.38
C ALA E 23 -33.80 -6.49 3.48
N ALA E 24 -33.02 -6.08 4.47
CA ALA E 24 -31.68 -6.60 4.65
C ALA E 24 -31.60 -7.42 5.93
N SER E 25 -30.77 -8.45 5.90
CA SER E 25 -30.53 -9.25 7.09
C SER E 25 -29.11 -9.81 7.04
N GLY E 26 -28.59 -10.13 8.22
CA GLY E 26 -27.30 -10.76 8.36
C GLY E 26 -26.12 -9.82 8.46
N PHE E 27 -26.34 -8.51 8.44
CA PHE E 27 -25.25 -7.56 8.53
C PHE E 27 -25.78 -6.26 9.14
N THR E 28 -24.85 -5.43 9.62
CA THR E 28 -25.19 -4.13 10.17
C THR E 28 -25.49 -3.19 9.02
N PHE E 29 -26.77 -2.83 8.86
CA PHE E 29 -27.20 -2.08 7.69
C PHE E 29 -26.56 -0.70 7.65
N SER E 30 -26.51 -0.01 8.79
CA SER E 30 -26.03 1.36 8.84
C SER E 30 -24.55 1.53 8.50
N ASN E 31 -23.79 0.44 8.37
CA ASN E 31 -22.36 0.56 8.08
C ASN E 31 -22.01 0.41 6.61
N TYR E 32 -23.00 0.21 5.73
CA TYR E 32 -22.71 -0.05 4.33
C TYR E 32 -23.43 0.93 3.42
N LYS E 33 -22.78 1.27 2.32
CA LYS E 33 -23.45 1.99 1.25
C LYS E 33 -24.37 1.03 0.50
N MET E 34 -25.49 1.57 0.03
CA MET E 34 -26.48 0.75 -0.66
C MET E 34 -26.71 1.31 -2.06
N ASN E 35 -27.02 0.42 -2.99
CA ASN E 35 -27.19 0.77 -4.38
C ASN E 35 -28.47 0.16 -4.93
N TRP E 36 -29.01 0.80 -5.97
CA TRP E 36 -30.03 0.20 -6.83
C TRP E 36 -29.46 0.05 -8.23
N VAL E 37 -29.64 -1.12 -8.82
CA VAL E 37 -29.14 -1.45 -10.14
C VAL E 37 -30.29 -2.06 -10.92
N ARG E 38 -30.27 -1.91 -12.23
CA ARG E 38 -31.30 -2.46 -13.09
C ARG E 38 -30.69 -3.41 -14.12
N GLN E 39 -31.47 -4.41 -14.50
CA GLN E 39 -31.08 -5.37 -15.51
C GLN E 39 -32.12 -5.31 -16.62
N ALA E 40 -31.76 -4.69 -17.74
CA ALA E 40 -32.68 -4.54 -18.85
C ALA E 40 -32.86 -5.88 -19.57
N PRO E 41 -34.06 -6.12 -20.11
CA PRO E 41 -34.32 -7.42 -20.77
C PRO E 41 -33.27 -7.85 -21.77
N GLY E 42 -32.63 -6.91 -22.48
CA GLY E 42 -31.62 -7.28 -23.45
C GLY E 42 -30.29 -6.58 -23.23
N LYS E 43 -30.09 -6.01 -22.04
CA LYS E 43 -28.88 -5.26 -21.74
C LYS E 43 -28.32 -5.69 -20.39
N GLY E 44 -27.02 -5.43 -20.21
CA GLY E 44 -26.37 -5.74 -18.96
C GLY E 44 -26.76 -4.81 -17.83
N LEU E 45 -26.50 -5.28 -16.60
CA LEU E 45 -26.78 -4.51 -15.41
C LEU E 45 -26.26 -3.08 -15.51
N GLU E 46 -27.07 -2.13 -15.03
CA GLU E 46 -26.73 -0.72 -15.05
C GLU E 46 -26.98 -0.12 -13.66
N TRP E 47 -26.02 0.67 -13.19
CA TRP E 47 -26.17 1.33 -11.90
C TRP E 47 -27.21 2.44 -11.99
N VAL E 48 -28.05 2.54 -10.96
CA VAL E 48 -29.15 3.51 -10.93
C VAL E 48 -28.96 4.55 -9.83
N SER E 49 -28.87 4.11 -8.57
CA SER E 49 -28.82 5.03 -7.45
C SER E 49 -27.87 4.51 -6.38
N ASP E 50 -27.27 5.43 -5.64
CA ASP E 50 -26.30 5.13 -4.59
C ASP E 50 -26.56 6.05 -3.41
N ILE E 51 -26.92 5.47 -2.26
CA ILE E 51 -27.12 6.23 -1.03
C ILE E 51 -26.06 5.83 -0.01
N SER E 52 -25.43 6.83 0.60
CA SER E 52 -24.38 6.60 1.59
C SER E 52 -24.96 6.04 2.87
N GLN E 53 -24.04 5.65 3.77
CA GLN E 53 -24.43 4.98 5.02
C GLN E 53 -25.43 5.82 5.81
N SER E 54 -25.20 7.13 5.90
CA SER E 54 -26.04 8.01 6.68
C SER E 54 -27.20 8.61 5.88
N GLY E 55 -27.19 8.47 4.56
CA GLY E 55 -28.15 9.13 3.71
C GLY E 55 -27.84 10.57 3.40
N ALA E 56 -26.68 11.07 3.84
CA ALA E 56 -26.33 12.47 3.62
C ALA E 56 -25.95 12.75 2.17
N SER E 57 -25.52 11.74 1.42
CA SER E 57 -25.07 11.91 0.05
C SER E 57 -25.79 10.89 -0.82
N ILE E 58 -26.53 11.38 -1.80
CA ILE E 58 -27.34 10.56 -2.69
C ILE E 58 -26.96 10.88 -4.12
N SER E 59 -26.63 9.84 -4.89
CA SER E 59 -26.27 10.00 -6.29
C SER E 59 -27.26 9.24 -7.18
N TYR E 60 -27.53 9.82 -8.35
CA TYR E 60 -28.44 9.22 -9.32
C TYR E 60 -27.76 9.21 -10.68
N THR E 61 -28.10 8.23 -11.49
CA THR E 61 -27.72 8.32 -12.89
C THR E 61 -28.55 9.44 -13.54
N GLY E 62 -27.94 10.08 -14.53
CA GLY E 62 -28.59 11.24 -15.14
C GLY E 62 -29.98 10.94 -15.68
N SER E 63 -30.20 9.73 -16.19
CA SER E 63 -31.49 9.38 -16.77
C SER E 63 -32.61 9.30 -15.75
N VAL E 64 -32.32 9.28 -14.44
CA VAL E 64 -33.36 9.18 -13.43
C VAL E 64 -33.43 10.41 -12.53
N LYS E 65 -32.60 11.41 -12.75
CA LYS E 65 -32.64 12.61 -11.92
C LYS E 65 -33.94 13.37 -12.14
N GLY E 66 -34.58 13.77 -11.05
CA GLY E 66 -35.85 14.47 -11.12
C GLY E 66 -37.06 13.57 -11.21
N ARG E 67 -36.85 12.26 -11.31
CA ARG E 67 -37.94 11.28 -11.36
C ARG E 67 -37.86 10.24 -10.27
N PHE E 68 -36.68 9.83 -9.86
CA PHE E 68 -36.47 8.80 -8.86
C PHE E 68 -35.83 9.40 -7.61
N THR E 69 -36.22 8.88 -6.45
CA THR E 69 -35.58 9.23 -5.20
C THR E 69 -35.34 7.94 -4.43
N ILE E 70 -34.34 7.96 -3.56
CA ILE E 70 -34.02 6.82 -2.70
C ILE E 70 -33.88 7.30 -1.26
N SER E 71 -34.05 6.35 -0.35
CA SER E 71 -33.87 6.62 1.07
C SER E 71 -33.61 5.30 1.76
N ARG E 72 -33.16 5.40 3.02
CA ARG E 72 -32.90 4.23 3.84
C ARG E 72 -33.40 4.51 5.26
N ASP E 73 -33.73 3.43 5.96
CA ASP E 73 -34.18 3.51 7.35
C ASP E 73 -33.34 2.52 8.15
N ASN E 74 -32.43 3.04 8.96
CA ASN E 74 -31.49 2.22 9.73
C ASN E 74 -32.12 1.56 10.94
N ALA E 75 -33.33 1.96 11.34
CA ALA E 75 -34.01 1.31 12.45
C ALA E 75 -34.83 0.11 12.01
N LYS E 76 -35.03 -0.05 10.70
CA LYS E 76 -35.76 -1.17 10.13
C LYS E 76 -34.93 -1.98 9.16
N ASN E 77 -33.73 -1.50 8.80
CA ASN E 77 -32.88 -2.11 7.78
C ASN E 77 -33.63 -2.26 6.46
N THR E 78 -34.20 -1.15 5.98
CA THR E 78 -35.00 -1.15 4.76
C THR E 78 -34.50 -0.06 3.82
N LEU E 79 -34.35 -0.42 2.55
CA LEU E 79 -33.93 0.48 1.49
C LEU E 79 -35.07 0.64 0.48
N TYR E 80 -35.42 1.89 0.16
CA TYR E 80 -36.56 2.15 -0.70
C TYR E 80 -36.12 2.78 -2.02
N LEU E 81 -37.06 2.81 -2.96
CA LEU E 81 -36.89 3.48 -4.24
C LEU E 81 -38.26 3.96 -4.71
N GLN E 82 -38.44 5.27 -4.82
CA GLN E 82 -39.66 5.87 -5.34
C GLN E 82 -39.48 6.15 -6.81
N MET E 83 -40.30 5.52 -7.64
CA MET E 83 -40.17 5.59 -9.10
C MET E 83 -41.33 6.38 -9.66
N ASN E 84 -41.12 7.66 -9.93
CA ASN E 84 -42.16 8.54 -10.43
C ASN E 84 -41.94 8.84 -11.91
N SER E 85 -43.02 9.24 -12.58
CA SER E 85 -42.99 9.69 -13.98
C SER E 85 -42.26 8.68 -14.87
N LEU E 86 -42.68 7.43 -14.78
CA LEU E 86 -41.98 6.36 -15.46
C LEU E 86 -42.26 6.36 -16.96
N LYS E 87 -41.28 5.89 -17.72
CA LYS E 87 -41.31 5.81 -19.17
C LYS E 87 -41.02 4.38 -19.61
N PRO E 88 -41.38 4.01 -20.84
CA PRO E 88 -41.09 2.65 -21.33
C PRO E 88 -39.64 2.23 -21.16
N GLU E 89 -38.69 3.17 -21.22
CA GLU E 89 -37.28 2.84 -21.07
C GLU E 89 -36.94 2.26 -19.70
N ASP E 90 -37.81 2.43 -18.71
CA ASP E 90 -37.55 1.97 -17.37
C ASP E 90 -37.98 0.53 -17.09
N THR E 91 -38.50 -0.19 -18.08
CA THR E 91 -38.83 -1.60 -17.84
C THR E 91 -37.53 -2.38 -17.69
N ALA E 92 -37.38 -3.05 -16.54
CA ALA E 92 -36.17 -3.79 -16.23
C ALA E 92 -36.38 -4.54 -14.93
N VAL E 93 -35.46 -5.45 -14.64
CA VAL E 93 -35.39 -6.10 -13.33
C VAL E 93 -34.50 -5.24 -12.45
N TYR E 94 -35.04 -4.81 -11.31
CA TYR E 94 -34.33 -3.94 -10.39
C TYR E 94 -33.80 -4.77 -9.22
N TYR E 95 -32.55 -4.55 -8.87
CA TYR E 95 -31.88 -5.27 -7.81
C TYR E 95 -31.40 -4.32 -6.73
N CYS E 96 -31.46 -4.77 -5.50
CA CYS E 96 -30.92 -4.04 -4.36
C CYS E 96 -29.53 -4.60 -4.10
N ALA E 97 -28.55 -3.71 -4.01
CA ALA E 97 -27.16 -4.13 -3.93
C ALA E 97 -26.42 -3.36 -2.85
N ARG E 98 -25.47 -4.04 -2.23
CA ARG E 98 -24.70 -3.45 -1.15
C ARG E 98 -23.23 -3.40 -1.53
N CYS E 99 -22.56 -2.30 -1.22
CA CYS E 99 -21.13 -2.20 -1.51
C CYS E 99 -20.43 -3.24 -0.61
N PRO E 100 -19.41 -3.91 -1.15
CA PRO E 100 -18.74 -5.02 -0.45
C PRO E 100 -18.07 -4.75 0.90
N ALA E 101 -17.39 -3.63 1.07
CA ALA E 101 -16.73 -3.36 2.33
C ALA E 101 -17.31 -2.17 3.07
N PRO E 102 -17.54 -2.32 4.38
CA PRO E 102 -18.09 -1.27 5.23
C PRO E 102 -17.12 -0.09 5.40
N PHE E 103 -17.66 1.07 5.73
CA PHE E 103 -16.86 2.29 5.91
C PHE E 103 -15.93 2.57 4.73
N THR E 104 -16.39 2.30 3.52
CA THR E 104 -15.60 2.53 2.32
C THR E 104 -16.38 3.40 1.35
N ARG E 105 -15.70 4.38 0.74
CA ARG E 105 -16.34 5.27 -0.21
C ARG E 105 -16.33 4.74 -1.65
N ASP E 106 -15.68 3.61 -1.85
CA ASP E 106 -15.59 3.01 -3.19
C ASP E 106 -16.14 1.59 -3.20
N CYS E 107 -16.99 1.28 -4.18
CA CYS E 107 -17.51 -0.09 -4.28
C CYS E 107 -17.72 -0.60 -5.71
N PHE E 108 -17.42 -1.88 -5.91
CA PHE E 108 -17.57 -2.55 -7.19
C PHE E 108 -18.69 -3.58 -6.99
N ASP E 109 -19.86 -3.35 -7.59
CA ASP E 109 -21.03 -4.20 -7.34
C ASP E 109 -22.02 -4.24 -8.50
N VAL E 110 -21.60 -3.94 -9.73
CA VAL E 110 -22.53 -4.06 -10.85
C VAL E 110 -21.98 -5.12 -11.79
N THR E 111 -21.23 -6.06 -11.24
CA THR E 111 -20.57 -7.08 -12.04
C THR E 111 -21.60 -8.02 -12.66
N SER E 112 -21.39 -8.36 -13.93
CA SER E 112 -22.27 -9.33 -14.58
C SER E 112 -22.19 -10.67 -13.87
N THR E 113 -20.98 -11.10 -13.52
CA THR E 113 -20.80 -12.34 -12.79
C THR E 113 -21.43 -12.22 -11.41
N THR E 114 -21.91 -13.35 -10.90
CA THR E 114 -22.60 -13.39 -9.62
C THR E 114 -21.90 -12.54 -8.57
N TYR E 115 -22.59 -11.50 -8.12
CA TYR E 115 -22.13 -10.65 -7.03
C TYR E 115 -22.79 -11.15 -5.76
N ALA E 116 -22.00 -11.31 -4.70
CA ALA E 116 -22.51 -12.01 -3.53
C ALA E 116 -23.50 -11.16 -2.75
N TYR E 117 -23.34 -9.84 -2.73
CA TYR E 117 -24.17 -9.02 -1.88
C TYR E 117 -25.20 -8.30 -2.74
N ARG E 118 -26.06 -9.08 -3.40
CA ARG E 118 -27.10 -8.59 -4.28
C ARG E 118 -28.35 -9.43 -4.04
N GLY E 119 -29.51 -8.81 -4.16
CA GLY E 119 -30.75 -9.53 -4.01
C GLY E 119 -31.14 -10.26 -5.27
N GLN E 120 -32.33 -10.87 -5.22
CA GLN E 120 -32.83 -11.63 -6.38
C GLN E 120 -33.44 -10.72 -7.43
N GLY E 121 -33.99 -9.58 -7.02
CA GLY E 121 -34.55 -8.60 -7.93
C GLY E 121 -36.06 -8.75 -8.11
N THR E 122 -36.68 -7.65 -8.53
CA THR E 122 -38.11 -7.57 -8.81
C THR E 122 -38.33 -6.98 -10.20
N GLN E 123 -39.26 -7.57 -10.94
CA GLN E 123 -39.54 -7.12 -12.31
C GLN E 123 -40.44 -5.89 -12.26
N VAL E 124 -39.99 -4.80 -12.89
CA VAL E 124 -40.76 -3.57 -12.98
C VAL E 124 -41.06 -3.37 -14.46
N THR E 125 -42.26 -3.76 -14.89
CA THR E 125 -42.68 -3.63 -16.28
C THR E 125 -43.55 -2.38 -16.42
N VAL E 126 -43.21 -1.54 -17.39
CA VAL E 126 -43.96 -0.32 -17.62
C VAL E 126 -44.52 -0.30 -19.04
#